data_2M7P
#
_entry.id   2M7P
#
loop_
_entity.id
_entity.type
_entity.pdbx_description
1 polymer 'Low-density lipoprotein receptor, Relaxin receptor 1'
2 non-polymer 'CALCIUM ION'
#
_entity_poly.entity_id   1
_entity_poly.type   'polypeptide(L)'
_entity_poly.pdbx_seq_one_letter_code
;GSQDVTCSLGYFPCGNITKCIPQFWRCDGQVDCDNGSDEQGC
;
_entity_poly.pdbx_strand_id   A
#
# COMPACT_ATOMS: atom_id res chain seq x y z
N GLY A 1 -11.65 -4.67 -19.61
CA GLY A 1 -11.57 -3.79 -18.46
C GLY A 1 -10.31 -2.94 -18.48
N SER A 2 -9.25 -3.47 -19.09
CA SER A 2 -7.98 -2.75 -19.16
C SER A 2 -7.43 -2.46 -17.77
N GLN A 3 -6.61 -3.38 -17.26
CA GLN A 3 -6.03 -3.23 -15.94
C GLN A 3 -4.81 -4.15 -15.77
N ASP A 4 -3.98 -3.85 -14.78
CA ASP A 4 -2.78 -4.64 -14.53
C ASP A 4 -2.63 -4.91 -13.03
N VAL A 5 -2.50 -3.83 -12.25
CA VAL A 5 -2.34 -3.96 -10.81
C VAL A 5 -3.54 -4.67 -10.19
N THR A 6 -3.27 -5.51 -9.19
CA THR A 6 -4.32 -6.25 -8.50
C THR A 6 -3.93 -6.57 -7.07
N CYS A 7 -4.91 -6.53 -6.17
CA CYS A 7 -4.66 -6.82 -4.76
C CYS A 7 -5.72 -7.77 -4.20
N SER A 8 -5.73 -7.93 -2.89
CA SER A 8 -6.69 -8.82 -2.23
C SER A 8 -7.85 -8.01 -1.64
N LEU A 9 -8.66 -8.69 -0.84
CA LEU A 9 -9.80 -8.03 -0.20
C LEU A 9 -9.34 -7.03 0.85
N GLY A 10 -8.68 -7.53 1.89
CA GLY A 10 -8.20 -6.67 2.95
C GLY A 10 -6.81 -6.13 2.68
N TYR A 11 -6.60 -5.65 1.46
CA TYR A 11 -5.31 -5.11 1.07
C TYR A 11 -5.47 -3.83 0.25
N PHE A 12 -4.44 -2.97 0.28
CA PHE A 12 -4.47 -1.72 -0.45
C PHE A 12 -3.09 -1.38 -0.99
N PRO A 13 -3.06 -0.62 -2.10
CA PRO A 13 -1.81 -0.20 -2.74
C PRO A 13 -1.04 0.82 -1.90
N CYS A 14 0.18 1.13 -2.34
CA CYS A 14 1.03 2.09 -1.63
C CYS A 14 1.16 3.38 -2.43
N GLY A 15 1.97 3.33 -3.49
CA GLY A 15 2.18 4.51 -4.31
C GLY A 15 2.58 4.15 -5.73
N ASN A 16 3.76 4.60 -6.13
CA ASN A 16 4.26 4.33 -7.47
C ASN A 16 4.21 2.84 -7.79
N ILE A 17 4.97 2.05 -7.04
CA ILE A 17 5.00 0.60 -7.24
C ILE A 17 3.61 0.00 -7.07
N THR A 18 2.73 0.72 -6.36
CA THR A 18 1.38 0.24 -6.12
C THR A 18 1.37 -1.07 -5.36
N LYS A 19 2.47 -1.34 -4.65
CA LYS A 19 2.59 -2.56 -3.87
C LYS A 19 1.40 -2.73 -2.93
N CYS A 20 0.68 -3.83 -3.09
CA CYS A 20 -0.48 -4.12 -2.25
C CYS A 20 -0.05 -4.62 -0.88
N ILE A 21 -0.62 -4.03 0.17
CA ILE A 21 -0.30 -4.41 1.54
C ILE A 21 -1.57 -4.60 2.36
N PRO A 22 -1.46 -5.37 3.45
CA PRO A 22 -2.58 -5.65 4.35
C PRO A 22 -2.99 -4.41 5.15
N GLN A 23 -4.30 -4.19 5.27
CA GLN A 23 -4.83 -3.06 6.00
C GLN A 23 -4.18 -2.95 7.38
N PHE A 24 -3.73 -4.08 7.90
CA PHE A 24 -3.10 -4.11 9.21
C PHE A 24 -1.97 -3.09 9.30
N TRP A 25 -1.38 -2.78 8.15
CA TRP A 25 -0.28 -1.82 8.09
C TRP A 25 -0.74 -0.50 7.47
N ARG A 26 -1.95 -0.09 7.80
CA ARG A 26 -2.51 1.15 7.27
C ARG A 26 -2.67 2.19 8.38
N CYS A 27 -2.20 3.40 8.11
CA CYS A 27 -2.28 4.49 9.09
C CYS A 27 -1.78 4.04 10.45
N ASP A 28 -0.59 3.45 10.47
CA ASP A 28 0.00 2.98 11.72
C ASP A 28 1.26 3.77 12.06
N GLY A 29 2.19 3.84 11.12
CA GLY A 29 3.43 4.57 11.34
C GLY A 29 4.65 3.76 10.97
N GLN A 30 4.57 3.05 9.84
CA GLN A 30 5.69 2.22 9.38
C GLN A 30 5.94 2.46 7.89
N VAL A 31 7.21 2.35 7.50
CA VAL A 31 7.60 2.55 6.11
C VAL A 31 7.47 1.25 5.31
N ASP A 32 6.81 0.27 5.90
CA ASP A 32 6.61 -1.02 5.26
C ASP A 32 6.35 -0.85 3.77
N CYS A 33 5.55 0.17 3.43
CA CYS A 33 5.21 0.44 2.03
C CYS A 33 6.47 0.53 1.17
N ASP A 34 6.27 0.59 -0.14
CA ASP A 34 7.39 0.68 -1.06
C ASP A 34 7.80 2.13 -1.28
N ASN A 35 6.84 3.04 -1.14
CA ASN A 35 7.11 4.47 -1.33
C ASN A 35 6.74 5.25 -0.07
N GLY A 36 6.64 4.55 1.05
CA GLY A 36 6.29 5.19 2.30
C GLY A 36 5.02 6.02 2.20
N SER A 37 4.13 5.62 1.30
CA SER A 37 2.87 6.33 1.10
C SER A 37 1.94 6.13 2.29
N ASP A 38 2.10 5.01 2.99
CA ASP A 38 1.28 4.70 4.15
C ASP A 38 1.54 5.70 5.28
N GLU A 39 2.69 6.35 5.24
CA GLU A 39 3.06 7.33 6.25
C GLU A 39 3.14 8.73 5.66
N GLN A 40 2.21 9.04 4.75
CA GLN A 40 2.18 10.35 4.10
C GLN A 40 0.88 11.08 4.41
N GLY A 41 0.67 11.40 5.68
CA GLY A 41 -0.53 12.09 6.08
C GLY A 41 -1.25 11.41 7.23
N CYS A 42 -0.84 10.17 7.52
CA CYS A 42 -1.45 9.40 8.60
C CYS A 42 -0.41 9.07 9.67
N GLY A 1 6.13 -0.43 -12.95
CA GLY A 1 5.00 -0.40 -13.88
C GLY A 1 3.71 -0.87 -13.25
N SER A 2 2.60 -0.34 -13.72
CA SER A 2 1.29 -0.70 -13.19
C SER A 2 0.82 -2.05 -13.75
N GLN A 3 0.53 -2.06 -15.06
CA GLN A 3 0.08 -3.28 -15.72
C GLN A 3 -1.13 -3.87 -15.01
N ASP A 4 -2.16 -3.04 -14.81
CA ASP A 4 -3.38 -3.48 -14.15
C ASP A 4 -3.06 -4.14 -12.81
N VAL A 5 -2.58 -3.33 -11.86
CA VAL A 5 -2.23 -3.85 -10.54
C VAL A 5 -3.45 -4.47 -9.86
N THR A 6 -3.23 -5.62 -9.21
CA THR A 6 -4.30 -6.32 -8.53
C THR A 6 -3.91 -6.63 -7.08
N CYS A 7 -4.90 -6.57 -6.19
CA CYS A 7 -4.66 -6.86 -4.78
C CYS A 7 -5.75 -7.78 -4.22
N SER A 8 -5.75 -7.93 -2.90
CA SER A 8 -6.72 -8.78 -2.23
C SER A 8 -7.88 -7.96 -1.66
N LEU A 9 -8.71 -8.60 -0.85
CA LEU A 9 -9.85 -7.93 -0.24
C LEU A 9 -9.38 -6.94 0.83
N GLY A 10 -8.74 -7.46 1.87
CA GLY A 10 -8.26 -6.61 2.94
C GLY A 10 -6.86 -6.09 2.68
N TYR A 11 -6.63 -5.59 1.47
CA TYR A 11 -5.33 -5.07 1.08
C TYR A 11 -5.47 -3.79 0.28
N PHE A 12 -4.44 -2.94 0.33
CA PHE A 12 -4.45 -1.68 -0.40
C PHE A 12 -3.07 -1.36 -0.96
N PRO A 13 -3.03 -0.60 -2.07
CA PRO A 13 -1.78 -0.21 -2.72
C PRO A 13 -0.98 0.78 -1.90
N CYS A 14 0.20 1.14 -2.39
CA CYS A 14 1.07 2.09 -1.69
C CYS A 14 1.22 3.37 -2.50
N GLY A 15 2.01 3.31 -3.56
CA GLY A 15 2.23 4.48 -4.40
C GLY A 15 2.67 4.11 -5.81
N ASN A 16 3.89 4.50 -6.15
CA ASN A 16 4.44 4.21 -7.48
C ASN A 16 4.30 2.73 -7.80
N ILE A 17 5.02 1.89 -7.06
CA ILE A 17 4.97 0.45 -7.28
C ILE A 17 3.57 -0.11 -7.03
N THR A 18 2.77 0.64 -6.27
CA THR A 18 1.41 0.23 -5.96
C THR A 18 1.39 -1.10 -5.22
N LYS A 19 2.49 -1.40 -4.52
CA LYS A 19 2.60 -2.63 -3.75
C LYS A 19 1.39 -2.82 -2.84
N CYS A 20 0.66 -3.90 -3.04
CA CYS A 20 -0.51 -4.20 -2.22
C CYS A 20 -0.11 -4.71 -0.84
N ILE A 21 -0.63 -4.06 0.20
CA ILE A 21 -0.32 -4.44 1.57
C ILE A 21 -1.60 -4.62 2.39
N PRO A 22 -1.50 -5.39 3.49
CA PRO A 22 -2.64 -5.64 4.38
C PRO A 22 -3.04 -4.40 5.17
N GLN A 23 -4.34 -4.19 5.28
CA GLN A 23 -4.87 -3.04 6.01
C GLN A 23 -4.23 -2.93 7.39
N PHE A 24 -3.78 -4.06 7.92
CA PHE A 24 -3.14 -4.09 9.23
C PHE A 24 -2.00 -3.08 9.31
N TRP A 25 -1.41 -2.77 8.16
CA TRP A 25 -0.30 -1.82 8.09
C TRP A 25 -0.75 -0.52 7.43
N ARG A 26 -1.97 -0.08 7.74
CA ARG A 26 -2.51 1.15 7.18
C ARG A 26 -2.47 2.28 8.20
N CYS A 27 -1.76 3.36 7.85
CA CYS A 27 -1.64 4.51 8.73
C CYS A 27 -1.26 4.08 10.14
N ASP A 28 -0.41 3.05 10.23
CA ASP A 28 0.03 2.55 11.52
C ASP A 28 1.30 3.27 11.99
N GLY A 29 2.16 3.62 11.03
CA GLY A 29 3.39 4.31 11.36
C GLY A 29 4.62 3.53 10.96
N GLN A 30 4.57 2.91 9.78
CA GLN A 30 5.69 2.12 9.29
C GLN A 30 5.96 2.42 7.82
N VAL A 31 7.23 2.35 7.44
CA VAL A 31 7.62 2.62 6.05
C VAL A 31 7.56 1.35 5.21
N ASP A 32 6.91 0.32 5.75
CA ASP A 32 6.77 -0.95 5.05
C ASP A 32 6.53 -0.72 3.56
N CYS A 33 5.71 0.27 3.24
CA CYS A 33 5.40 0.59 1.85
C CYS A 33 6.67 0.75 1.03
N ASP A 34 6.52 0.81 -0.29
CA ASP A 34 7.66 0.97 -1.18
C ASP A 34 7.99 2.45 -1.40
N ASN A 35 6.97 3.30 -1.25
CA ASN A 35 7.16 4.74 -1.43
C ASN A 35 6.91 5.48 -0.12
N GLY A 36 6.42 4.77 0.88
CA GLY A 36 6.16 5.38 2.17
C GLY A 36 4.83 6.11 2.20
N SER A 37 3.94 5.75 1.29
CA SER A 37 2.63 6.39 1.21
C SER A 37 1.80 6.09 2.47
N ASP A 38 2.07 4.94 3.07
CA ASP A 38 1.35 4.53 4.27
C ASP A 38 1.59 5.52 5.41
N GLU A 39 2.66 6.31 5.29
CA GLU A 39 3.00 7.29 6.31
C GLU A 39 3.08 8.70 5.71
N GLN A 40 2.15 8.98 4.80
CA GLN A 40 2.11 10.29 4.14
C GLN A 40 1.06 11.18 4.78
N GLY A 41 1.31 11.62 6.00
CA GLY A 41 0.36 12.48 6.70
C GLY A 41 -0.31 11.78 7.86
N CYS A 42 -0.32 10.44 7.82
CA CYS A 42 -0.94 9.66 8.87
C CYS A 42 0.08 8.73 9.53
N GLY A 1 -2.02 0.79 -18.12
CA GLY A 1 -2.53 0.41 -19.42
C GLY A 1 -2.06 -0.97 -19.84
N SER A 2 -0.76 -1.12 -20.04
CA SER A 2 -0.20 -2.39 -20.45
C SER A 2 -0.37 -3.45 -19.37
N GLN A 3 -0.13 -3.06 -18.12
CA GLN A 3 -0.26 -3.96 -16.99
C GLN A 3 -1.55 -3.70 -16.23
N ASP A 4 -1.81 -4.51 -15.21
CA ASP A 4 -3.02 -4.37 -14.40
C ASP A 4 -2.79 -4.89 -12.99
N VAL A 5 -2.23 -4.05 -12.13
CA VAL A 5 -1.95 -4.42 -10.75
C VAL A 5 -3.23 -4.85 -10.03
N THR A 6 -3.12 -5.90 -9.22
CA THR A 6 -4.27 -6.41 -8.47
C THR A 6 -3.92 -6.65 -7.01
N CYS A 7 -4.91 -6.52 -6.14
CA CYS A 7 -4.70 -6.72 -4.71
C CYS A 7 -5.77 -7.64 -4.13
N SER A 8 -5.81 -7.72 -2.81
CA SER A 8 -6.78 -8.57 -2.13
C SER A 8 -7.94 -7.74 -1.58
N LEU A 9 -8.78 -8.36 -0.77
CA LEU A 9 -9.93 -7.69 -0.18
C LEU A 9 -9.48 -6.62 0.82
N GLY A 10 -8.89 -7.07 1.92
CA GLY A 10 -8.43 -6.14 2.93
C GLY A 10 -7.00 -5.68 2.68
N TYR A 11 -6.71 -5.29 1.44
CA TYR A 11 -5.38 -4.82 1.08
C TYR A 11 -5.46 -3.57 0.23
N PHE A 12 -4.44 -2.72 0.35
CA PHE A 12 -4.39 -1.47 -0.41
C PHE A 12 -2.99 -1.22 -0.97
N PRO A 13 -2.92 -0.48 -2.08
CA PRO A 13 -1.65 -0.16 -2.73
C PRO A 13 -0.79 0.81 -1.91
N CYS A 14 0.39 1.11 -2.41
CA CYS A 14 1.30 2.02 -1.73
C CYS A 14 1.45 3.33 -2.50
N GLY A 15 2.18 3.26 -3.62
CA GLY A 15 2.38 4.45 -4.44
C GLY A 15 2.60 4.11 -5.91
N ASN A 16 3.77 4.49 -6.43
CA ASN A 16 4.09 4.22 -7.83
C ASN A 16 4.11 2.73 -8.10
N ILE A 17 4.70 1.97 -7.18
CA ILE A 17 4.78 0.52 -7.32
C ILE A 17 3.42 -0.14 -7.11
N THR A 18 2.54 0.56 -6.42
CA THR A 18 1.20 0.05 -6.14
C THR A 18 1.26 -1.22 -5.31
N LYS A 19 2.36 -1.41 -4.60
CA LYS A 19 2.55 -2.58 -3.75
C LYS A 19 1.35 -2.77 -2.82
N CYS A 20 0.58 -3.82 -3.06
CA CYS A 20 -0.59 -4.12 -2.24
C CYS A 20 -0.18 -4.66 -0.87
N ILE A 21 -0.66 -4.01 0.19
CA ILE A 21 -0.33 -4.44 1.54
C ILE A 21 -1.60 -4.61 2.38
N PRO A 22 -1.50 -5.41 3.45
CA PRO A 22 -2.62 -5.68 4.35
C PRO A 22 -3.01 -4.45 5.17
N GLN A 23 -4.31 -4.22 5.30
CA GLN A 23 -4.81 -3.08 6.07
C GLN A 23 -4.15 -3.03 7.45
N PHE A 24 -3.72 -4.18 7.94
CA PHE A 24 -3.09 -4.27 9.24
C PHE A 24 -1.93 -3.27 9.34
N TRP A 25 -1.35 -2.94 8.20
CA TRP A 25 -0.23 -1.99 8.17
C TRP A 25 -0.66 -0.66 7.56
N ARG A 26 -1.86 -0.22 7.92
CA ARG A 26 -2.39 1.04 7.41
C ARG A 26 -2.47 2.08 8.51
N CYS A 27 -1.96 3.28 8.23
CA CYS A 27 -1.97 4.37 9.21
C CYS A 27 -1.45 3.88 10.56
N ASP A 28 -0.51 2.94 10.53
CA ASP A 28 0.07 2.41 11.76
C ASP A 28 1.34 3.16 12.13
N GLY A 29 2.07 3.62 11.13
CA GLY A 29 3.30 4.35 11.38
C GLY A 29 4.54 3.57 10.97
N GLN A 30 4.50 2.98 9.78
CA GLN A 30 5.63 2.19 9.28
C GLN A 30 5.90 2.51 7.82
N VAL A 31 7.18 2.50 7.44
CA VAL A 31 7.57 2.78 6.06
C VAL A 31 7.55 1.51 5.22
N ASP A 32 6.94 0.45 5.76
CA ASP A 32 6.84 -0.81 5.05
C ASP A 32 6.62 -0.59 3.56
N CYS A 33 5.75 0.35 3.23
CA CYS A 33 5.43 0.67 1.84
C CYS A 33 6.69 1.03 1.07
N ASP A 34 6.77 0.57 -0.18
CA ASP A 34 7.92 0.85 -1.02
C ASP A 34 8.16 2.36 -1.13
N ASN A 35 7.09 3.12 -1.12
CA ASN A 35 7.18 4.58 -1.22
C ASN A 35 6.77 5.24 0.09
N GLY A 36 6.56 4.43 1.11
CA GLY A 36 6.17 4.95 2.41
C GLY A 36 4.99 5.90 2.32
N SER A 37 4.11 5.66 1.35
CA SER A 37 2.93 6.49 1.15
C SER A 37 1.93 6.28 2.27
N ASP A 38 1.99 5.13 2.92
CA ASP A 38 1.09 4.80 4.01
C ASP A 38 1.26 5.78 5.18
N GLU A 39 2.46 6.36 5.27
CA GLU A 39 2.76 7.31 6.34
C GLU A 39 2.86 8.72 5.79
N GLN A 40 1.99 9.05 4.84
CA GLN A 40 1.97 10.37 4.23
C GLN A 40 0.62 11.04 4.41
N GLY A 41 0.26 11.30 5.67
CA GLY A 41 -1.01 11.95 5.96
C GLY A 41 -1.83 11.17 6.97
N CYS A 42 -1.41 9.94 7.26
CA CYS A 42 -2.11 9.11 8.22
C CYS A 42 -1.33 8.99 9.53
N GLY A 1 -3.57 -1.05 -22.85
CA GLY A 1 -2.43 -0.25 -22.46
C GLY A 1 -2.74 0.71 -21.33
N SER A 2 -3.78 0.39 -20.56
CA SER A 2 -4.19 1.23 -19.44
C SER A 2 -3.91 0.55 -18.11
N GLN A 3 -2.92 -0.35 -18.12
CA GLN A 3 -2.55 -1.07 -16.91
C GLN A 3 -3.75 -1.81 -16.33
N ASP A 4 -3.56 -2.38 -15.13
CA ASP A 4 -4.63 -3.12 -14.47
C ASP A 4 -4.21 -3.56 -13.08
N VAL A 5 -3.43 -2.72 -12.41
CA VAL A 5 -2.95 -3.02 -11.06
C VAL A 5 -4.12 -3.24 -10.11
N THR A 6 -4.03 -4.31 -9.33
CA THR A 6 -5.07 -4.66 -8.37
C THR A 6 -4.48 -5.28 -7.11
N CYS A 7 -5.30 -5.38 -6.06
CA CYS A 7 -4.86 -5.96 -4.80
C CYS A 7 -5.85 -7.01 -4.31
N SER A 8 -5.63 -7.49 -3.08
CA SER A 8 -6.50 -8.49 -2.49
C SER A 8 -7.70 -7.84 -1.79
N LEU A 9 -8.43 -8.64 -1.02
CA LEU A 9 -9.59 -8.14 -0.29
C LEU A 9 -9.16 -7.17 0.80
N GLY A 10 -8.49 -7.69 1.83
CA GLY A 10 -8.05 -6.84 2.91
C GLY A 10 -6.67 -6.26 2.68
N TYR A 11 -6.45 -5.75 1.47
CA TYR A 11 -5.16 -5.16 1.11
C TYR A 11 -5.36 -3.89 0.28
N PHE A 12 -4.38 -3.00 0.35
CA PHE A 12 -4.43 -1.75 -0.39
C PHE A 12 -3.07 -1.39 -0.96
N PRO A 13 -3.07 -0.62 -2.07
CA PRO A 13 -1.84 -0.20 -2.74
C PRO A 13 -1.06 0.83 -1.92
N CYS A 14 0.15 1.14 -2.37
CA CYS A 14 1.00 2.11 -1.68
C CYS A 14 1.15 3.38 -2.50
N GLY A 15 1.96 3.31 -3.56
CA GLY A 15 2.17 4.47 -4.41
C GLY A 15 2.46 4.09 -5.85
N ASN A 16 3.64 4.45 -6.34
CA ASN A 16 4.02 4.13 -7.71
C ASN A 16 4.06 2.63 -7.93
N ILE A 17 4.88 1.93 -7.16
CA ILE A 17 5.00 0.49 -7.27
C ILE A 17 3.64 -0.20 -7.10
N THR A 18 2.71 0.50 -6.45
CA THR A 18 1.38 -0.05 -6.22
C THR A 18 1.42 -1.27 -5.32
N LYS A 19 2.51 -1.40 -4.56
CA LYS A 19 2.68 -2.53 -3.66
C LYS A 19 1.45 -2.70 -2.76
N CYS A 20 0.75 -3.82 -2.93
CA CYS A 20 -0.44 -4.10 -2.14
C CYS A 20 -0.06 -4.65 -0.76
N ILE A 21 -0.51 -3.97 0.28
CA ILE A 21 -0.21 -4.38 1.65
C ILE A 21 -1.50 -4.59 2.45
N PRO A 22 -1.41 -5.39 3.52
CA PRO A 22 -2.56 -5.68 4.39
C PRO A 22 -2.99 -4.48 5.20
N GLN A 23 -4.31 -4.27 5.28
CA GLN A 23 -4.86 -3.15 6.04
C GLN A 23 -4.23 -3.06 7.42
N PHE A 24 -3.78 -4.19 7.94
CA PHE A 24 -3.16 -4.25 9.26
C PHE A 24 -2.06 -3.20 9.39
N TRP A 25 -1.44 -2.87 8.27
CA TRP A 25 -0.37 -1.88 8.25
C TRP A 25 -0.82 -0.61 7.56
N ARG A 26 -1.92 -0.03 8.03
CA ARG A 26 -2.45 1.20 7.46
C ARG A 26 -2.55 2.29 8.51
N CYS A 27 -2.01 3.47 8.20
CA CYS A 27 -2.03 4.59 9.12
C CYS A 27 -1.65 4.16 10.52
N ASP A 28 -0.70 3.23 10.61
CA ASP A 28 -0.24 2.72 11.90
C ASP A 28 1.10 3.35 12.27
N GLY A 29 1.94 3.59 11.28
CA GLY A 29 3.24 4.18 11.53
C GLY A 29 4.38 3.29 11.08
N GLN A 30 4.26 2.75 9.87
CA GLN A 30 5.28 1.88 9.31
C GLN A 30 5.63 2.28 7.88
N VAL A 31 6.90 2.13 7.52
CA VAL A 31 7.36 2.49 6.18
C VAL A 31 7.34 1.27 5.26
N ASP A 32 6.72 0.19 5.74
CA ASP A 32 6.65 -1.04 4.95
C ASP A 32 6.37 -0.74 3.49
N CYS A 33 5.54 0.27 3.24
CA CYS A 33 5.19 0.67 1.89
C CYS A 33 6.43 1.04 1.08
N ASP A 34 6.52 0.52 -0.13
CA ASP A 34 7.66 0.79 -1.00
C ASP A 34 7.82 2.30 -1.23
N ASN A 35 6.70 3.01 -1.21
CA ASN A 35 6.71 4.45 -1.42
C ASN A 35 6.38 5.20 -0.14
N GLY A 36 6.25 4.44 0.96
CA GLY A 36 5.93 5.05 2.24
C GLY A 36 4.72 5.95 2.18
N SER A 37 3.81 5.65 1.26
CA SER A 37 2.60 6.44 1.10
C SER A 37 1.72 6.36 2.34
N ASP A 38 1.87 5.28 3.09
CA ASP A 38 1.10 5.08 4.31
C ASP A 38 1.54 6.05 5.41
N GLU A 39 2.75 6.57 5.28
CA GLU A 39 3.30 7.50 6.25
C GLU A 39 3.48 8.89 5.65
N GLN A 40 2.53 9.28 4.80
CA GLN A 40 2.58 10.58 4.14
C GLN A 40 1.30 11.37 4.40
N GLY A 41 1.04 11.69 5.65
CA GLY A 41 -0.15 12.44 6.01
C GLY A 41 -0.94 11.79 7.13
N CYS A 42 -0.57 10.55 7.46
CA CYS A 42 -1.25 9.82 8.52
C CYS A 42 -0.34 9.63 9.73
N GLY A 1 0.91 -1.39 -23.99
CA GLY A 1 1.24 -2.14 -22.79
C GLY A 1 0.50 -1.61 -21.57
N SER A 2 -0.31 -2.48 -20.96
CA SER A 2 -1.07 -2.11 -19.78
C SER A 2 -0.53 -2.79 -18.53
N GLN A 3 -1.25 -2.66 -17.42
CA GLN A 3 -0.83 -3.28 -16.16
C GLN A 3 -2.04 -3.67 -15.32
N ASP A 4 -2.97 -2.72 -15.16
CA ASP A 4 -4.18 -2.96 -14.37
C ASP A 4 -3.83 -3.43 -12.97
N VAL A 5 -3.27 -2.51 -12.18
CA VAL A 5 -2.89 -2.83 -10.81
C VAL A 5 -4.09 -3.25 -9.98
N THR A 6 -3.92 -4.33 -9.22
CA THR A 6 -5.00 -4.85 -8.38
C THR A 6 -4.45 -5.47 -7.10
N CYS A 7 -5.28 -5.50 -6.06
CA CYS A 7 -4.88 -6.05 -4.78
C CYS A 7 -5.94 -7.03 -4.26
N SER A 8 -5.78 -7.44 -3.00
CA SER A 8 -6.72 -8.37 -2.38
C SER A 8 -7.84 -7.63 -1.69
N LEU A 9 -8.70 -8.37 -1.00
CA LEU A 9 -9.83 -7.78 -0.28
C LEU A 9 -9.35 -6.97 0.92
N GLY A 10 -8.56 -7.62 1.78
CA GLY A 10 -8.05 -6.95 2.96
C GLY A 10 -6.68 -6.34 2.73
N TYR A 11 -6.45 -5.84 1.51
CA TYR A 11 -5.17 -5.23 1.17
C TYR A 11 -5.38 -3.96 0.36
N PHE A 12 -4.38 -3.08 0.36
CA PHE A 12 -4.45 -1.82 -0.37
C PHE A 12 -3.09 -1.46 -0.95
N PRO A 13 -3.12 -0.70 -2.06
CA PRO A 13 -1.89 -0.26 -2.74
C PRO A 13 -1.11 0.76 -1.93
N CYS A 14 0.08 1.12 -2.42
CA CYS A 14 0.93 2.09 -1.73
C CYS A 14 1.08 3.35 -2.57
N GLY A 15 1.89 3.25 -3.63
CA GLY A 15 2.10 4.41 -4.49
C GLY A 15 2.63 4.00 -5.85
N ASN A 16 3.81 4.50 -6.21
CA ASN A 16 4.41 4.19 -7.50
C ASN A 16 4.45 2.68 -7.74
N ILE A 17 5.06 1.95 -6.82
CA ILE A 17 5.16 0.51 -6.92
C ILE A 17 3.79 -0.14 -6.83
N THR A 18 2.83 0.58 -6.25
CA THR A 18 1.48 0.06 -6.09
C THR A 18 1.47 -1.23 -5.30
N LYS A 19 2.51 -1.45 -4.51
CA LYS A 19 2.63 -2.65 -3.69
C LYS A 19 1.40 -2.81 -2.79
N CYS A 20 0.71 -3.94 -2.94
CA CYS A 20 -0.48 -4.20 -2.13
C CYS A 20 -0.09 -4.73 -0.76
N ILE A 21 -0.52 -4.03 0.29
CA ILE A 21 -0.21 -4.42 1.65
C ILE A 21 -1.49 -4.63 2.46
N PRO A 22 -1.39 -5.40 3.54
CA PRO A 22 -2.53 -5.69 4.42
C PRO A 22 -2.98 -4.47 5.21
N GLN A 23 -4.30 -4.29 5.30
CA GLN A 23 -4.86 -3.16 6.03
C GLN A 23 -4.23 -3.03 7.41
N PHE A 24 -3.77 -4.16 7.95
CA PHE A 24 -3.15 -4.17 9.28
C PHE A 24 -2.06 -3.12 9.38
N TRP A 25 -1.46 -2.78 8.24
CA TRP A 25 -0.40 -1.78 8.19
C TRP A 25 -0.88 -0.49 7.53
N ARG A 26 -2.00 0.04 8.03
CA ARG A 26 -2.56 1.26 7.49
C ARG A 26 -2.73 2.32 8.58
N CYS A 27 -2.28 3.54 8.29
CA CYS A 27 -2.37 4.63 9.25
C CYS A 27 -1.86 4.20 10.62
N ASP A 28 -0.69 3.57 10.65
CA ASP A 28 -0.10 3.10 11.89
C ASP A 28 1.23 3.80 12.16
N GLY A 29 2.17 3.63 11.24
CA GLY A 29 3.48 4.25 11.39
C GLY A 29 4.60 3.35 10.91
N GLN A 30 4.39 2.70 9.77
CA GLN A 30 5.40 1.82 9.20
C GLN A 30 5.73 2.21 7.77
N VAL A 31 7.01 2.14 7.42
CA VAL A 31 7.46 2.49 6.07
C VAL A 31 7.40 1.28 5.15
N ASP A 32 6.75 0.23 5.60
CA ASP A 32 6.62 -1.00 4.80
C ASP A 32 6.37 -0.67 3.34
N CYS A 33 5.57 0.37 3.10
CA CYS A 33 5.25 0.79 1.75
C CYS A 33 6.50 1.16 0.98
N ASP A 34 6.59 0.69 -0.26
CA ASP A 34 7.75 0.98 -1.10
C ASP A 34 8.00 2.48 -1.19
N ASN A 35 6.93 3.25 -1.32
CA ASN A 35 7.04 4.71 -1.42
C ASN A 35 6.60 5.37 -0.11
N GLY A 36 6.47 4.55 0.95
CA GLY A 36 6.06 5.08 2.23
C GLY A 36 4.80 5.92 2.14
N SER A 37 3.96 5.62 1.15
CA SER A 37 2.72 6.36 0.96
C SER A 37 1.80 6.19 2.16
N ASP A 38 2.00 5.12 2.91
CA ASP A 38 1.19 4.83 4.09
C ASP A 38 1.52 5.80 5.23
N GLU A 39 2.70 6.40 5.15
CA GLU A 39 3.13 7.34 6.18
C GLU A 39 3.24 8.76 5.60
N GLN A 40 2.30 9.10 4.73
CA GLN A 40 2.29 10.42 4.11
C GLN A 40 1.00 11.17 4.44
N GLY A 41 0.00 10.43 4.91
CA GLY A 41 -1.27 11.04 5.27
C GLY A 41 -1.76 10.62 6.64
N CYS A 42 -0.89 9.96 7.40
CA CYS A 42 -1.23 9.50 8.74
C CYS A 42 0.00 9.45 9.63
N GLY A 1 -8.49 -6.68 -19.00
CA GLY A 1 -7.59 -6.54 -20.13
C GLY A 1 -6.56 -7.65 -20.19
N SER A 2 -5.32 -7.32 -19.85
CA SER A 2 -4.24 -8.30 -19.88
C SER A 2 -3.26 -8.06 -18.74
N GLN A 3 -2.78 -6.82 -18.62
CA GLN A 3 -1.84 -6.45 -17.58
C GLN A 3 -2.35 -5.26 -16.78
N ASP A 4 -2.92 -5.54 -15.61
CA ASP A 4 -3.45 -4.49 -14.75
C ASP A 4 -3.07 -4.75 -13.29
N VAL A 5 -2.80 -3.67 -12.56
CA VAL A 5 -2.43 -3.77 -11.16
C VAL A 5 -3.66 -3.77 -10.26
N THR A 6 -3.67 -4.67 -9.28
CA THR A 6 -4.79 -4.78 -8.35
C THR A 6 -4.36 -5.40 -7.03
N CYS A 7 -5.22 -5.33 -6.03
CA CYS A 7 -4.93 -5.89 -4.71
C CYS A 7 -6.05 -6.81 -4.26
N SER A 8 -6.00 -7.22 -2.98
CA SER A 8 -7.00 -8.11 -2.42
C SER A 8 -8.06 -7.31 -1.67
N LEU A 9 -8.99 -8.03 -1.03
CA LEU A 9 -10.05 -7.39 -0.27
C LEU A 9 -9.49 -6.66 0.95
N GLY A 10 -8.74 -7.38 1.77
CA GLY A 10 -8.16 -6.79 2.96
C GLY A 10 -6.76 -6.26 2.71
N TYR A 11 -6.53 -5.72 1.53
CA TYR A 11 -5.23 -5.18 1.16
C TYR A 11 -5.38 -3.90 0.33
N PHE A 12 -4.40 -3.01 0.44
CA PHE A 12 -4.42 -1.76 -0.30
C PHE A 12 -3.04 -1.44 -0.88
N PRO A 13 -3.03 -0.76 -2.04
CA PRO A 13 -1.79 -0.38 -2.72
C PRO A 13 -1.01 0.69 -1.96
N CYS A 14 0.21 0.96 -2.40
CA CYS A 14 1.06 1.96 -1.77
C CYS A 14 1.15 3.22 -2.63
N GLY A 15 1.94 3.14 -3.69
CA GLY A 15 2.11 4.28 -4.58
C GLY A 15 2.66 3.89 -5.93
N ASN A 16 3.86 4.37 -6.24
CA ASN A 16 4.50 4.06 -7.52
C ASN A 16 4.57 2.56 -7.74
N ILE A 17 5.22 1.86 -6.82
CA ILE A 17 5.36 0.41 -6.92
C ILE A 17 4.00 -0.27 -6.89
N THR A 18 2.99 0.44 -6.40
CA THR A 18 1.64 -0.10 -6.33
C THR A 18 1.60 -1.37 -5.48
N LYS A 19 2.60 -1.54 -4.62
CA LYS A 19 2.68 -2.71 -3.76
C LYS A 19 1.45 -2.79 -2.85
N CYS A 20 0.74 -3.91 -2.94
CA CYS A 20 -0.45 -4.13 -2.11
C CYS A 20 -0.08 -4.72 -0.77
N ILE A 21 -0.54 -4.06 0.30
CA ILE A 21 -0.25 -4.53 1.65
C ILE A 21 -1.54 -4.72 2.45
N PRO A 22 -1.47 -5.54 3.51
CA PRO A 22 -2.62 -5.82 4.37
C PRO A 22 -3.01 -4.62 5.22
N GLN A 23 -4.32 -4.39 5.34
CA GLN A 23 -4.83 -3.26 6.13
C GLN A 23 -4.18 -3.24 7.51
N PHE A 24 -3.76 -4.41 7.98
CA PHE A 24 -3.15 -4.52 9.30
C PHE A 24 -1.98 -3.53 9.43
N TRP A 25 -1.37 -3.18 8.31
CA TRP A 25 -0.25 -2.24 8.31
C TRP A 25 -0.66 -0.91 7.69
N ARG A 26 -1.85 -0.45 8.03
CA ARG A 26 -2.36 0.82 7.51
C ARG A 26 -2.30 1.91 8.56
N CYS A 27 -1.71 3.04 8.21
CA CYS A 27 -1.58 4.17 9.13
C CYS A 27 -0.97 3.72 10.45
N ASP A 28 0.06 2.89 10.38
CA ASP A 28 0.71 2.38 11.57
C ASP A 28 2.08 3.04 11.75
N GLY A 29 2.29 4.17 11.08
CA GLY A 29 3.54 4.88 11.18
C GLY A 29 4.72 4.03 10.73
N GLN A 30 4.48 3.14 9.77
CA GLN A 30 5.53 2.27 9.27
C GLN A 30 5.81 2.56 7.79
N VAL A 31 7.09 2.60 7.44
CA VAL A 31 7.50 2.86 6.07
C VAL A 31 7.48 1.59 5.23
N ASP A 32 6.88 0.53 5.78
CA ASP A 32 6.78 -0.74 5.09
C ASP A 32 6.51 -0.54 3.60
N CYS A 33 5.62 0.40 3.29
CA CYS A 33 5.27 0.70 1.92
C CYS A 33 6.50 1.12 1.11
N ASP A 34 6.58 0.66 -0.13
CA ASP A 34 7.70 0.98 -1.00
C ASP A 34 7.95 2.49 -1.02
N ASN A 35 6.90 3.26 -1.27
CA ASN A 35 7.01 4.71 -1.31
C ASN A 35 6.50 5.34 -0.02
N GLY A 36 6.30 4.51 0.99
CA GLY A 36 5.81 4.99 2.27
C GLY A 36 4.58 5.85 2.14
N SER A 37 3.70 5.49 1.20
CA SER A 37 2.47 6.25 0.98
C SER A 37 1.46 5.99 2.08
N ASP A 38 1.78 5.05 2.96
CA ASP A 38 0.89 4.71 4.07
C ASP A 38 1.09 5.66 5.24
N GLU A 39 2.24 6.33 5.27
CA GLU A 39 2.56 7.27 6.33
C GLU A 39 2.78 8.67 5.77
N GLN A 40 1.99 9.04 4.78
CA GLN A 40 2.10 10.35 4.15
C GLN A 40 0.94 11.25 4.54
N GLY A 41 0.88 11.61 5.82
CA GLY A 41 -0.19 12.46 6.30
C GLY A 41 -0.98 11.83 7.42
N CYS A 42 -0.86 10.50 7.55
CA CYS A 42 -1.58 9.77 8.59
C CYS A 42 -0.74 9.67 9.86
N GLY A 1 -3.46 -6.02 -22.41
CA GLY A 1 -4.51 -5.89 -21.41
C GLY A 1 -4.47 -4.54 -20.70
N SER A 2 -5.37 -4.35 -19.75
CA SER A 2 -5.43 -3.09 -19.01
C SER A 2 -4.31 -3.00 -17.99
N GLN A 3 -4.09 -4.09 -17.25
CA GLN A 3 -3.05 -4.13 -16.25
C GLN A 3 -3.17 -2.95 -15.29
N ASP A 4 -4.28 -2.91 -14.55
CA ASP A 4 -4.52 -1.84 -13.59
C ASP A 4 -4.18 -2.29 -12.17
N VAL A 5 -3.29 -3.28 -12.06
CA VAL A 5 -2.89 -3.80 -10.77
C VAL A 5 -4.06 -4.47 -10.05
N THR A 6 -3.75 -5.46 -9.24
CA THR A 6 -4.78 -6.20 -8.49
C THR A 6 -4.31 -6.50 -7.07
N CYS A 7 -5.25 -6.42 -6.12
CA CYS A 7 -4.93 -6.69 -4.73
C CYS A 7 -5.99 -7.60 -4.10
N SER A 8 -5.93 -7.75 -2.78
CA SER A 8 -6.88 -8.59 -2.06
C SER A 8 -8.03 -7.76 -1.51
N LEU A 9 -8.84 -8.38 -0.65
CA LEU A 9 -9.99 -7.70 -0.06
C LEU A 9 -9.53 -6.61 0.92
N GLY A 10 -8.90 -7.04 2.01
CA GLY A 10 -8.42 -6.09 3.00
C GLY A 10 -6.99 -5.65 2.74
N TYR A 11 -6.69 -5.34 1.48
CA TYR A 11 -5.36 -4.90 1.10
C TYR A 11 -5.41 -3.66 0.22
N PHE A 12 -4.39 -2.81 0.32
CA PHE A 12 -4.33 -1.59 -0.46
C PHE A 12 -2.93 -1.37 -1.01
N PRO A 13 -2.83 -0.65 -2.14
CA PRO A 13 -1.56 -0.35 -2.79
C PRO A 13 -0.71 0.63 -1.99
N CYS A 14 0.53 0.84 -2.42
CA CYS A 14 1.43 1.75 -1.74
C CYS A 14 1.59 3.05 -2.52
N GLY A 15 2.33 2.99 -3.63
CA GLY A 15 2.54 4.16 -4.45
C GLY A 15 3.10 3.83 -5.82
N ASN A 16 4.30 4.34 -6.10
CA ASN A 16 4.95 4.09 -7.38
C ASN A 16 4.99 2.59 -7.69
N ILE A 17 5.36 1.80 -6.69
CA ILE A 17 5.43 0.35 -6.86
C ILE A 17 4.04 -0.27 -6.96
N THR A 18 3.04 0.45 -6.42
CA THR A 18 1.66 -0.03 -6.44
C THR A 18 1.53 -1.38 -5.75
N LYS A 19 2.49 -1.69 -4.88
CA LYS A 19 2.49 -2.94 -4.15
C LYS A 19 1.32 -3.00 -3.18
N CYS A 20 0.58 -4.11 -3.20
CA CYS A 20 -0.57 -4.29 -2.32
C CYS A 20 -0.13 -4.82 -0.96
N ILE A 21 -0.61 -4.17 0.10
CA ILE A 21 -0.27 -4.57 1.46
C ILE A 21 -1.52 -4.75 2.31
N PRO A 22 -1.40 -5.53 3.39
CA PRO A 22 -2.51 -5.79 4.30
C PRO A 22 -2.88 -4.57 5.14
N GLN A 23 -4.18 -4.34 5.28
CA GLN A 23 -4.66 -3.20 6.05
C GLN A 23 -4.00 -3.13 7.42
N PHE A 24 -3.56 -4.28 7.91
CA PHE A 24 -2.90 -4.36 9.20
C PHE A 24 -1.77 -3.34 9.30
N TRP A 25 -1.17 -3.01 8.17
CA TRP A 25 -0.09 -2.05 8.12
C TRP A 25 -0.55 -0.72 7.54
N ARG A 26 -1.71 -0.26 7.98
CA ARG A 26 -2.28 0.99 7.51
C ARG A 26 -2.50 1.97 8.66
N CYS A 27 -2.11 3.21 8.48
CA CYS A 27 -2.26 4.24 9.50
C CYS A 27 -1.57 3.82 10.79
N ASP A 28 -0.58 2.94 10.68
CA ASP A 28 0.15 2.46 11.82
C ASP A 28 1.39 3.32 12.08
N GLY A 29 1.98 3.83 11.00
CA GLY A 29 3.16 4.67 11.12
C GLY A 29 4.43 3.92 10.76
N GLN A 30 4.38 3.16 9.67
CA GLN A 30 5.53 2.40 9.22
C GLN A 30 5.84 2.70 7.75
N VAL A 31 7.13 2.74 7.42
CA VAL A 31 7.56 3.02 6.06
C VAL A 31 7.60 1.73 5.22
N ASP A 32 7.00 0.68 5.75
CA ASP A 32 6.97 -0.61 5.06
C ASP A 32 6.78 -0.41 3.57
N CYS A 33 5.89 0.50 3.20
CA CYS A 33 5.62 0.78 1.79
C CYS A 33 6.88 1.24 1.07
N ASP A 34 7.08 0.73 -0.14
CA ASP A 34 8.25 1.08 -0.94
C ASP A 34 8.39 2.59 -1.06
N ASN A 35 7.24 3.29 -1.07
CA ASN A 35 7.24 4.74 -1.18
C ASN A 35 6.88 5.39 0.15
N GLY A 36 6.43 4.58 1.10
CA GLY A 36 6.07 5.10 2.40
C GLY A 36 4.85 6.00 2.35
N SER A 37 4.09 5.90 1.27
CA SER A 37 2.90 6.73 1.09
C SER A 37 1.87 6.43 2.18
N ASP A 38 2.00 5.26 2.80
CA ASP A 38 1.08 4.86 3.86
C ASP A 38 1.18 5.80 5.06
N GLU A 39 2.33 6.44 5.19
CA GLU A 39 2.57 7.37 6.30
C GLU A 39 2.61 8.81 5.81
N GLN A 40 1.75 9.12 4.84
CA GLN A 40 1.69 10.47 4.28
C GLN A 40 0.33 11.11 4.54
N GLY A 41 -0.64 10.29 4.90
CA GLY A 41 -1.98 10.79 5.16
C GLY A 41 -2.51 10.34 6.51
N CYS A 42 -1.66 9.69 7.29
CA CYS A 42 -2.05 9.21 8.61
C CYS A 42 -0.89 9.32 9.60
N GLY A 1 0.53 -11.95 -18.07
CA GLY A 1 1.10 -10.74 -18.64
C GLY A 1 0.28 -9.51 -18.31
N SER A 2 -0.56 -9.60 -17.29
CA SER A 2 -1.41 -8.49 -16.89
C SER A 2 -0.57 -7.29 -16.47
N GLN A 3 -1.07 -6.09 -16.77
CA GLN A 3 -0.36 -4.86 -16.43
C GLN A 3 -1.09 -4.10 -15.32
N ASP A 4 -2.41 -4.28 -15.27
CA ASP A 4 -3.22 -3.62 -14.26
C ASP A 4 -2.96 -4.19 -12.88
N VAL A 5 -2.46 -3.35 -11.97
CA VAL A 5 -2.17 -3.77 -10.61
C VAL A 5 -3.38 -4.41 -9.96
N THR A 6 -3.15 -5.52 -9.26
CA THR A 6 -4.24 -6.23 -8.58
C THR A 6 -3.86 -6.57 -7.14
N CYS A 7 -4.85 -6.55 -6.25
CA CYS A 7 -4.62 -6.86 -4.85
C CYS A 7 -5.68 -7.81 -4.32
N SER A 8 -5.69 -8.00 -3.01
CA SER A 8 -6.67 -8.89 -2.37
C SER A 8 -7.82 -8.10 -1.79
N LEU A 9 -8.60 -8.75 -0.92
CA LEU A 9 -9.75 -8.10 -0.29
C LEU A 9 -9.31 -7.14 0.80
N GLY A 10 -8.63 -7.68 1.82
CA GLY A 10 -8.16 -6.85 2.91
C GLY A 10 -6.78 -6.28 2.65
N TYR A 11 -6.58 -5.74 1.45
CA TYR A 11 -5.30 -5.16 1.08
C TYR A 11 -5.49 -3.86 0.30
N PHE A 12 -4.46 -3.02 0.30
CA PHE A 12 -4.51 -1.75 -0.40
C PHE A 12 -3.14 -1.39 -0.97
N PRO A 13 -3.15 -0.59 -2.06
CA PRO A 13 -1.92 -0.16 -2.73
C PRO A 13 -1.12 0.83 -1.89
N CYS A 14 0.07 1.19 -2.37
CA CYS A 14 0.92 2.13 -1.67
C CYS A 14 1.08 3.42 -2.47
N GLY A 15 1.85 3.35 -3.56
CA GLY A 15 2.08 4.52 -4.39
C GLY A 15 2.51 4.15 -5.79
N ASN A 16 3.73 4.55 -6.15
CA ASN A 16 4.28 4.26 -7.47
C ASN A 16 4.16 2.78 -7.79
N ILE A 17 4.91 1.96 -7.07
CA ILE A 17 4.88 0.51 -7.28
C ILE A 17 3.50 -0.06 -7.01
N THR A 18 2.71 0.67 -6.23
CA THR A 18 1.36 0.24 -5.88
C THR A 18 1.37 -1.09 -5.14
N LYS A 19 2.48 -1.35 -4.43
CA LYS A 19 2.62 -2.58 -3.66
C LYS A 19 1.43 -2.80 -2.75
N CYS A 20 0.66 -3.86 -3.03
CA CYS A 20 -0.51 -4.17 -2.23
C CYS A 20 -0.11 -4.68 -0.85
N ILE A 21 -0.63 -4.05 0.19
CA ILE A 21 -0.32 -4.43 1.56
C ILE A 21 -1.59 -4.62 2.38
N PRO A 22 -1.49 -5.38 3.48
CA PRO A 22 -2.63 -5.65 4.37
C PRO A 22 -3.05 -4.41 5.15
N GLN A 23 -4.36 -4.20 5.25
CA GLN A 23 -4.90 -3.06 5.97
C GLN A 23 -4.26 -2.93 7.35
N PHE A 24 -3.81 -4.06 7.89
CA PHE A 24 -3.18 -4.08 9.20
C PHE A 24 -2.06 -3.05 9.28
N TRP A 25 -1.45 -2.74 8.14
CA TRP A 25 -0.37 -1.77 8.07
C TRP A 25 -0.83 -0.48 7.40
N ARG A 26 -1.93 0.07 7.89
CA ARG A 26 -2.47 1.31 7.32
C ARG A 26 -2.56 2.39 8.39
N CYS A 27 -2.02 3.57 8.07
CA CYS A 27 -2.04 4.69 9.00
C CYS A 27 -1.63 4.25 10.40
N ASP A 28 -0.46 3.61 10.50
CA ASP A 28 0.04 3.13 11.78
C ASP A 28 1.40 3.75 12.09
N GLY A 29 2.40 3.39 11.28
CA GLY A 29 3.74 3.92 11.48
C GLY A 29 4.82 2.99 10.97
N GLN A 30 4.59 2.42 9.79
CA GLN A 30 5.54 1.49 9.18
C GLN A 30 5.88 1.92 7.76
N VAL A 31 7.16 1.84 7.41
CA VAL A 31 7.62 2.23 6.08
C VAL A 31 7.52 1.05 5.11
N ASP A 32 6.83 0.00 5.54
CA ASP A 32 6.66 -1.19 4.70
C ASP A 32 6.42 -0.81 3.24
N CYS A 33 5.64 0.25 3.05
CA CYS A 33 5.32 0.72 1.70
C CYS A 33 6.60 1.07 0.93
N ASP A 34 6.62 0.73 -0.35
CA ASP A 34 7.78 1.00 -1.19
C ASP A 34 8.01 2.50 -1.34
N ASN A 35 6.91 3.26 -1.33
CA ASN A 35 6.99 4.70 -1.46
C ASN A 35 6.62 5.39 -0.16
N GLY A 36 6.52 4.62 0.91
CA GLY A 36 6.16 5.17 2.21
C GLY A 36 4.89 5.99 2.16
N SER A 37 4.03 5.70 1.20
CA SER A 37 2.78 6.41 1.04
C SER A 37 1.84 6.14 2.21
N ASP A 38 2.18 5.12 2.99
CA ASP A 38 1.37 4.75 4.15
C ASP A 38 1.70 5.62 5.35
N GLU A 39 2.87 6.25 5.32
CA GLU A 39 3.31 7.11 6.40
C GLU A 39 3.57 8.54 5.91
N GLN A 40 2.69 9.01 5.01
CA GLN A 40 2.83 10.34 4.46
C GLN A 40 1.73 11.26 4.99
N GLY A 41 1.75 11.50 6.30
CA GLY A 41 0.76 12.35 6.92
C GLY A 41 -0.05 11.64 7.98
N CYS A 42 0.03 10.31 7.98
CA CYS A 42 -0.70 9.50 8.95
C CYS A 42 0.22 9.00 10.05
N GLY A 1 8.17 -2.87 -16.31
CA GLY A 1 6.81 -2.47 -16.65
C GLY A 1 5.78 -3.03 -15.70
N SER A 2 4.92 -3.89 -16.20
CA SER A 2 3.87 -4.49 -15.39
C SER A 2 2.93 -3.44 -14.84
N GLN A 3 1.94 -3.05 -15.64
CA GLN A 3 0.98 -2.04 -15.23
C GLN A 3 -0.25 -2.69 -14.58
N ASP A 4 -0.64 -3.85 -15.09
CA ASP A 4 -1.79 -4.58 -14.56
C ASP A 4 -1.54 -5.01 -13.11
N VAL A 5 -2.04 -4.23 -12.17
CA VAL A 5 -1.87 -4.54 -10.76
C VAL A 5 -3.21 -4.89 -10.10
N THR A 6 -3.18 -5.86 -9.18
CA THR A 6 -4.39 -6.29 -8.49
C THR A 6 -4.09 -6.60 -7.04
N CYS A 7 -5.09 -6.39 -6.17
CA CYS A 7 -4.94 -6.64 -4.75
C CYS A 7 -6.12 -7.46 -4.21
N SER A 8 -6.20 -7.58 -2.89
CA SER A 8 -7.27 -8.34 -2.27
C SER A 8 -8.32 -7.40 -1.67
N LEU A 9 -9.25 -7.98 -0.90
CA LEU A 9 -10.31 -7.19 -0.28
C LEU A 9 -9.80 -6.49 0.98
N GLY A 10 -8.83 -7.12 1.64
CA GLY A 10 -8.26 -6.54 2.85
C GLY A 10 -6.87 -6.00 2.64
N TYR A 11 -6.58 -5.57 1.41
CA TYR A 11 -5.26 -5.02 1.09
C TYR A 11 -5.39 -3.74 0.25
N PHE A 12 -4.35 -2.93 0.26
CA PHE A 12 -4.35 -1.68 -0.49
C PHE A 12 -2.95 -1.36 -1.01
N PRO A 13 -2.89 -0.64 -2.14
CA PRO A 13 -1.61 -0.26 -2.76
C PRO A 13 -0.87 0.80 -1.93
N CYS A 14 0.37 1.07 -2.33
CA CYS A 14 1.20 2.05 -1.63
C CYS A 14 1.29 3.35 -2.43
N GLY A 15 2.07 3.32 -3.50
CA GLY A 15 2.23 4.51 -4.33
C GLY A 15 2.51 4.16 -5.78
N ASN A 16 3.76 4.33 -6.18
CA ASN A 16 4.17 4.04 -7.56
C ASN A 16 4.09 2.54 -7.84
N ILE A 17 4.88 1.76 -7.10
CA ILE A 17 4.89 0.32 -7.27
C ILE A 17 3.50 -0.28 -7.08
N THR A 18 2.65 0.45 -6.35
CA THR A 18 1.29 -0.01 -6.10
C THR A 18 1.28 -1.31 -5.30
N LYS A 19 2.36 -1.55 -4.57
CA LYS A 19 2.49 -2.76 -3.76
C LYS A 19 1.28 -2.93 -2.85
N CYS A 20 0.53 -4.00 -3.06
CA CYS A 20 -0.66 -4.27 -2.27
C CYS A 20 -0.28 -4.83 -0.89
N ILE A 21 -0.59 -4.05 0.14
CA ILE A 21 -0.27 -4.47 1.51
C ILE A 21 -1.55 -4.64 2.34
N PRO A 22 -1.44 -5.42 3.43
CA PRO A 22 -2.57 -5.68 4.32
C PRO A 22 -2.98 -4.45 5.12
N GLN A 23 -4.28 -4.22 5.21
CA GLN A 23 -4.80 -3.08 5.96
C GLN A 23 -4.17 -2.99 7.35
N PHE A 24 -3.74 -4.14 7.86
CA PHE A 24 -3.12 -4.20 9.19
C PHE A 24 -1.98 -3.19 9.29
N TRP A 25 -1.37 -2.86 8.16
CA TRP A 25 -0.27 -1.92 8.12
C TRP A 25 -0.71 -0.59 7.48
N ARG A 26 -1.86 -0.09 7.91
CA ARG A 26 -2.38 1.17 7.38
C ARG A 26 -2.58 2.19 8.50
N CYS A 27 -2.12 3.41 8.26
CA CYS A 27 -2.24 4.48 9.24
C CYS A 27 -1.67 4.04 10.59
N ASP A 28 -0.70 3.13 10.55
CA ASP A 28 -0.08 2.63 11.77
C ASP A 28 1.19 3.43 12.09
N GLY A 29 1.97 3.72 11.06
CA GLY A 29 3.19 4.48 11.25
C GLY A 29 4.43 3.67 10.90
N GLN A 30 4.36 2.92 9.81
CA GLN A 30 5.48 2.10 9.38
C GLN A 30 5.85 2.40 7.93
N VAL A 31 7.14 2.35 7.63
CA VAL A 31 7.62 2.61 6.28
C VAL A 31 7.58 1.36 5.42
N ASP A 32 6.90 0.33 5.91
CA ASP A 32 6.78 -0.93 5.19
C ASP A 32 6.62 -0.69 3.70
N CYS A 33 5.81 0.31 3.35
CA CYS A 33 5.57 0.64 1.95
C CYS A 33 6.88 0.85 1.21
N ASP A 34 6.79 1.04 -0.11
CA ASP A 34 7.97 1.25 -0.93
C ASP A 34 8.19 2.73 -1.20
N ASN A 35 7.10 3.49 -1.19
CA ASN A 35 7.18 4.93 -1.43
C ASN A 35 6.77 5.72 -0.19
N GLY A 36 6.66 5.01 0.94
CA GLY A 36 6.28 5.66 2.19
C GLY A 36 4.95 6.39 2.07
N SER A 37 4.07 5.88 1.22
CA SER A 37 2.76 6.49 1.01
C SER A 37 1.81 6.10 2.13
N ASP A 38 2.27 5.23 3.03
CA ASP A 38 1.44 4.77 4.15
C ASP A 38 1.61 5.70 5.34
N GLU A 39 2.74 6.41 5.40
CA GLU A 39 3.00 7.33 6.49
C GLU A 39 3.20 8.75 5.98
N GLN A 40 2.39 9.14 4.99
CA GLN A 40 2.48 10.47 4.41
C GLN A 40 1.19 11.25 4.65
N GLY A 41 0.08 10.53 4.75
CA GLY A 41 -1.21 11.17 4.97
C GLY A 41 -1.88 10.68 6.24
N CYS A 42 -1.12 10.01 7.10
CA CYS A 42 -1.66 9.49 8.35
C CYS A 42 -0.58 9.48 9.44
N GLY A 1 -5.59 -8.60 -21.80
CA GLY A 1 -4.53 -9.10 -20.94
C GLY A 1 -4.63 -8.59 -19.52
N SER A 2 -4.06 -9.35 -18.59
CA SER A 2 -4.10 -8.97 -17.18
C SER A 2 -2.71 -8.53 -16.71
N GLN A 3 -2.37 -7.27 -16.97
CA GLN A 3 -1.08 -6.73 -16.57
C GLN A 3 -1.24 -5.72 -15.42
N ASP A 4 -2.41 -5.09 -15.35
CA ASP A 4 -2.69 -4.11 -14.32
C ASP A 4 -2.43 -4.70 -12.93
N VAL A 5 -2.14 -3.83 -11.97
CA VAL A 5 -1.87 -4.25 -10.61
C VAL A 5 -3.13 -4.81 -9.94
N THR A 6 -2.99 -5.92 -9.23
CA THR A 6 -4.12 -6.54 -8.56
C THR A 6 -3.80 -6.80 -7.08
N CYS A 7 -4.81 -6.70 -6.24
CA CYS A 7 -4.64 -6.92 -4.81
C CYS A 7 -5.72 -7.87 -4.27
N SER A 8 -5.79 -7.98 -2.94
CA SER A 8 -6.77 -8.84 -2.30
C SER A 8 -7.92 -8.03 -1.71
N LEU A 9 -8.70 -8.66 -0.84
CA LEU A 9 -9.82 -7.99 -0.19
C LEU A 9 -9.33 -7.01 0.87
N GLY A 10 -8.67 -7.53 1.89
CA GLY A 10 -8.16 -6.69 2.95
C GLY A 10 -6.78 -6.15 2.66
N TYR A 11 -6.58 -5.64 1.45
CA TYR A 11 -5.30 -5.09 1.04
C TYR A 11 -5.47 -3.81 0.23
N PHE A 12 -4.45 -2.97 0.24
CA PHE A 12 -4.49 -1.71 -0.50
C PHE A 12 -3.11 -1.35 -1.04
N PRO A 13 -3.09 -0.57 -2.13
CA PRO A 13 -1.84 -0.14 -2.77
C PRO A 13 -1.08 0.88 -1.92
N CYS A 14 0.18 1.12 -2.28
CA CYS A 14 1.01 2.07 -1.56
C CYS A 14 1.13 3.39 -2.32
N GLY A 15 1.93 3.37 -3.39
CA GLY A 15 2.13 4.57 -4.19
C GLY A 15 2.33 4.26 -5.66
N ASN A 16 3.40 4.79 -6.23
CA ASN A 16 3.71 4.58 -7.63
C ASN A 16 3.76 3.08 -7.95
N ILE A 17 4.39 2.31 -7.05
CA ILE A 17 4.51 0.87 -7.23
C ILE A 17 3.18 0.17 -7.00
N THR A 18 2.27 0.85 -6.29
CA THR A 18 0.97 0.29 -6.00
C THR A 18 1.08 -1.01 -5.23
N LYS A 19 2.20 -1.19 -4.54
CA LYS A 19 2.44 -2.39 -3.75
C LYS A 19 1.26 -2.68 -2.83
N CYS A 20 0.53 -3.75 -3.12
CA CYS A 20 -0.62 -4.13 -2.31
C CYS A 20 -0.17 -4.66 -0.95
N ILE A 21 -0.66 -4.01 0.11
CA ILE A 21 -0.32 -4.41 1.48
C ILE A 21 -1.58 -4.59 2.33
N PRO A 22 -1.45 -5.37 3.41
CA PRO A 22 -2.55 -5.64 4.34
C PRO A 22 -2.95 -4.40 5.14
N GLN A 23 -4.26 -4.16 5.24
CA GLN A 23 -4.77 -3.02 5.98
C GLN A 23 -4.11 -2.92 7.36
N PHE A 24 -3.67 -4.07 7.88
CA PHE A 24 -3.03 -4.10 9.19
C PHE A 24 -1.89 -3.08 9.27
N TRP A 25 -1.29 -2.78 8.12
CA TRP A 25 -0.20 -1.82 8.06
C TRP A 25 -0.65 -0.53 7.40
N ARG A 26 -1.87 -0.10 7.70
CA ARG A 26 -2.41 1.13 7.13
C ARG A 26 -2.52 2.22 8.19
N CYS A 27 -1.94 3.37 7.90
CA CYS A 27 -1.98 4.51 8.82
C CYS A 27 -1.62 4.05 10.24
N ASP A 28 -0.38 3.59 10.41
CA ASP A 28 0.08 3.14 11.71
C ASP A 28 1.37 3.85 12.11
N GLY A 29 2.30 3.96 11.18
CA GLY A 29 3.55 4.63 11.45
C GLY A 29 4.75 3.79 11.06
N GLN A 30 4.66 3.12 9.92
CA GLN A 30 5.74 2.27 9.44
C GLN A 30 5.98 2.48 7.94
N VAL A 31 7.24 2.38 7.53
CA VAL A 31 7.60 2.56 6.13
C VAL A 31 7.46 1.26 5.35
N ASP A 32 6.81 0.28 5.97
CA ASP A 32 6.62 -1.02 5.33
C ASP A 32 6.34 -0.86 3.84
N CYS A 33 5.54 0.14 3.50
CA CYS A 33 5.19 0.41 2.11
C CYS A 33 6.43 0.48 1.24
N ASP A 34 6.23 0.53 -0.07
CA ASP A 34 7.33 0.61 -1.02
C ASP A 34 7.76 2.05 -1.23
N ASN A 35 6.81 2.98 -1.11
CA ASN A 35 7.09 4.40 -1.29
C ASN A 35 6.73 5.19 -0.04
N GLY A 36 6.64 4.50 1.09
CA GLY A 36 6.30 5.15 2.34
C GLY A 36 5.05 6.00 2.23
N SER A 37 4.14 5.60 1.34
CA SER A 37 2.90 6.32 1.14
C SER A 37 1.95 6.13 2.32
N ASP A 38 2.08 5.00 2.99
CA ASP A 38 1.24 4.68 4.15
C ASP A 38 1.48 5.69 5.27
N GLU A 39 2.65 6.33 5.25
CA GLU A 39 3.00 7.31 6.27
C GLU A 39 3.07 8.72 5.67
N GLN A 40 2.16 9.01 4.75
CA GLN A 40 2.12 10.32 4.10
C GLN A 40 0.87 11.08 4.50
N GLY A 41 0.79 11.48 5.76
CA GLY A 41 -0.37 12.21 6.24
C GLY A 41 -1.09 11.50 7.36
N CYS A 42 -0.89 10.19 7.45
CA CYS A 42 -1.52 9.38 8.49
C CYS A 42 -0.53 8.41 9.12
N GLY A 1 -0.39 -7.08 -18.94
CA GLY A 1 -1.55 -7.88 -19.26
C GLY A 1 -2.83 -7.07 -19.23
N SER A 2 -3.97 -7.76 -19.26
CA SER A 2 -5.27 -7.11 -19.25
C SER A 2 -5.89 -7.18 -17.85
N GLN A 3 -5.06 -7.10 -16.83
CA GLN A 3 -5.53 -7.17 -15.46
C GLN A 3 -5.27 -5.86 -14.72
N ASP A 4 -4.19 -5.17 -15.10
CA ASP A 4 -3.82 -3.91 -14.49
C ASP A 4 -3.56 -4.08 -13.00
N VAL A 5 -3.18 -3.00 -12.33
CA VAL A 5 -2.89 -3.03 -10.90
C VAL A 5 -4.12 -3.49 -10.11
N THR A 6 -3.93 -4.53 -9.30
CA THR A 6 -5.02 -5.06 -8.49
C THR A 6 -4.50 -5.62 -7.17
N CYS A 7 -5.35 -5.61 -6.15
CA CYS A 7 -4.98 -6.13 -4.84
C CYS A 7 -6.04 -7.08 -4.30
N SER A 8 -5.91 -7.45 -3.03
CA SER A 8 -6.85 -8.36 -2.39
C SER A 8 -7.98 -7.58 -1.73
N LEU A 9 -8.79 -8.28 -0.94
CA LEU A 9 -9.91 -7.66 -0.24
C LEU A 9 -9.41 -6.68 0.82
N GLY A 10 -8.80 -7.21 1.87
CA GLY A 10 -8.28 -6.38 2.94
C GLY A 10 -6.86 -5.91 2.67
N TYR A 11 -6.61 -5.46 1.46
CA TYR A 11 -5.28 -4.98 1.09
C TYR A 11 -5.37 -3.74 0.21
N PHE A 12 -4.38 -2.86 0.35
CA PHE A 12 -4.35 -1.62 -0.43
C PHE A 12 -2.95 -1.36 -0.99
N PRO A 13 -2.90 -0.64 -2.11
CA PRO A 13 -1.62 -0.30 -2.77
C PRO A 13 -0.79 0.69 -1.97
N CYS A 14 0.43 0.94 -2.43
CA CYS A 14 1.31 1.88 -1.75
C CYS A 14 1.47 3.17 -2.56
N GLY A 15 2.19 3.08 -3.67
CA GLY A 15 2.39 4.25 -4.52
C GLY A 15 2.65 3.88 -5.96
N ASN A 16 3.78 4.33 -6.49
CA ASN A 16 4.15 4.05 -7.88
C ASN A 16 4.15 2.54 -8.14
N ILE A 17 4.72 1.78 -7.20
CA ILE A 17 4.79 0.34 -7.34
C ILE A 17 3.44 -0.31 -7.08
N THR A 18 2.55 0.43 -6.42
CA THR A 18 1.22 -0.06 -6.12
C THR A 18 1.27 -1.32 -5.27
N LYS A 19 2.37 -1.48 -4.54
CA LYS A 19 2.56 -2.65 -3.69
C LYS A 19 1.36 -2.85 -2.76
N CYS A 20 0.62 -3.92 -2.99
CA CYS A 20 -0.56 -4.22 -2.18
C CYS A 20 -0.16 -4.77 -0.82
N ILE A 21 -0.57 -4.08 0.24
CA ILE A 21 -0.25 -4.49 1.59
C ILE A 21 -1.52 -4.67 2.43
N PRO A 22 -1.41 -5.45 3.52
CA PRO A 22 -2.54 -5.71 4.41
C PRO A 22 -2.94 -4.48 5.22
N GLN A 23 -4.24 -4.26 5.34
CA GLN A 23 -4.75 -3.12 6.08
C GLN A 23 -4.10 -3.02 7.46
N PHE A 24 -3.67 -4.17 7.98
CA PHE A 24 -3.02 -4.22 9.28
C PHE A 24 -1.89 -3.20 9.37
N TRP A 25 -1.31 -2.86 8.23
CA TRP A 25 -0.21 -1.90 8.18
C TRP A 25 -0.66 -0.60 7.53
N ARG A 26 -1.88 -0.17 7.86
CA ARG A 26 -2.42 1.07 7.31
C ARG A 26 -2.48 2.15 8.37
N CYS A 27 -1.92 3.31 8.06
CA CYS A 27 -1.91 4.43 9.00
C CYS A 27 -1.43 4.00 10.37
N ASP A 28 -0.51 3.04 10.39
CA ASP A 28 0.04 2.52 11.65
C ASP A 28 1.29 3.29 12.04
N GLY A 29 2.05 3.72 11.04
CA GLY A 29 3.27 4.47 11.32
C GLY A 29 4.52 3.71 10.92
N GLN A 30 4.46 3.03 9.77
CA GLN A 30 5.60 2.26 9.29
C GLN A 30 5.87 2.56 7.82
N VAL A 31 7.14 2.55 7.44
CA VAL A 31 7.54 2.81 6.07
C VAL A 31 7.53 1.53 5.23
N ASP A 32 6.93 0.48 5.78
CA ASP A 32 6.86 -0.80 5.09
C ASP A 32 6.63 -0.60 3.60
N CYS A 33 5.74 0.33 3.26
CA CYS A 33 5.41 0.63 1.87
C CYS A 33 6.67 1.02 1.10
N ASP A 34 6.76 0.56 -0.15
CA ASP A 34 7.91 0.87 -1.00
C ASP A 34 8.12 2.37 -1.11
N ASN A 35 7.02 3.13 -1.06
CA ASN A 35 7.09 4.57 -1.16
C ASN A 35 6.69 5.23 0.16
N GLY A 36 6.43 4.39 1.17
CA GLY A 36 6.05 4.91 2.47
C GLY A 36 4.89 5.90 2.39
N SER A 37 4.00 5.68 1.44
CA SER A 37 2.84 6.56 1.26
C SER A 37 1.85 6.38 2.40
N ASP A 38 1.89 5.22 3.03
CA ASP A 38 0.98 4.93 4.14
C ASP A 38 1.19 5.91 5.28
N GLU A 39 2.41 6.42 5.41
CA GLU A 39 2.73 7.37 6.47
C GLU A 39 2.87 8.78 5.91
N GLN A 40 2.01 9.12 4.96
CA GLN A 40 2.03 10.44 4.35
C GLN A 40 0.71 11.17 4.55
N GLY A 41 0.39 11.48 5.80
CA GLY A 41 -0.84 12.16 6.12
C GLY A 41 -1.75 11.35 7.02
N CYS A 42 -1.41 10.08 7.21
CA CYS A 42 -2.20 9.20 8.05
C CYS A 42 -1.60 9.11 9.45
N GLY A 1 -12.44 -5.67 -12.89
CA GLY A 1 -11.47 -6.00 -13.92
C GLY A 1 -10.05 -6.06 -13.38
N SER A 2 -9.12 -6.50 -14.22
CA SER A 2 -7.72 -6.60 -13.82
C SER A 2 -6.85 -5.67 -14.66
N GLN A 3 -6.82 -4.40 -14.27
CA GLN A 3 -6.03 -3.40 -14.98
C GLN A 3 -5.37 -2.42 -14.00
N ASP A 4 -4.24 -1.86 -14.40
CA ASP A 4 -3.52 -0.91 -13.56
C ASP A 4 -3.20 -1.51 -12.20
N VAL A 5 -2.78 -2.78 -12.20
CA VAL A 5 -2.44 -3.47 -10.97
C VAL A 5 -3.67 -3.66 -10.09
N THR A 6 -3.67 -4.72 -9.30
CA THR A 6 -4.79 -5.02 -8.41
C THR A 6 -4.30 -5.61 -7.09
N CYS A 7 -5.18 -5.61 -6.09
CA CYS A 7 -4.84 -6.14 -4.78
C CYS A 7 -5.92 -7.12 -4.29
N SER A 8 -5.82 -7.50 -3.02
CA SER A 8 -6.78 -8.43 -2.44
C SER A 8 -7.90 -7.67 -1.72
N LEU A 9 -8.74 -8.42 -1.01
CA LEU A 9 -9.85 -7.82 -0.27
C LEU A 9 -9.33 -6.89 0.83
N GLY A 10 -8.71 -7.47 1.84
CA GLY A 10 -8.18 -6.68 2.94
C GLY A 10 -6.77 -6.19 2.67
N TYR A 11 -6.54 -5.67 1.48
CA TYR A 11 -5.22 -5.17 1.11
C TYR A 11 -5.34 -3.93 0.21
N PHE A 12 -4.45 -2.96 0.42
CA PHE A 12 -4.46 -1.74 -0.36
C PHE A 12 -3.06 -1.43 -0.90
N PRO A 13 -3.01 -0.75 -2.06
CA PRO A 13 -1.75 -0.38 -2.70
C PRO A 13 -0.99 0.69 -1.92
N CYS A 14 0.25 0.96 -2.34
CA CYS A 14 1.08 1.96 -1.68
C CYS A 14 1.18 3.22 -2.54
N GLY A 15 1.98 3.14 -3.60
CA GLY A 15 2.15 4.29 -4.48
C GLY A 15 2.54 3.88 -5.88
N ASN A 16 3.70 4.34 -6.32
CA ASN A 16 4.20 4.02 -7.66
C ASN A 16 4.18 2.51 -7.90
N ILE A 17 4.99 1.79 -7.13
CA ILE A 17 5.07 0.34 -7.26
C ILE A 17 3.71 -0.31 -7.07
N THR A 18 2.81 0.40 -6.38
CA THR A 18 1.47 -0.10 -6.13
C THR A 18 1.50 -1.35 -5.25
N LYS A 19 2.58 -1.51 -4.50
CA LYS A 19 2.75 -2.66 -3.62
C LYS A 19 1.53 -2.81 -2.70
N CYS A 20 0.76 -3.86 -2.91
CA CYS A 20 -0.42 -4.12 -2.10
C CYS A 20 -0.03 -4.65 -0.73
N ILE A 21 -0.56 -4.02 0.31
CA ILE A 21 -0.28 -4.42 1.68
C ILE A 21 -1.56 -4.59 2.49
N PRO A 22 -1.48 -5.37 3.57
CA PRO A 22 -2.62 -5.64 4.46
C PRO A 22 -3.04 -4.39 5.25
N GLN A 23 -4.35 -4.17 5.34
CA GLN A 23 -4.87 -3.03 6.07
C GLN A 23 -4.26 -2.95 7.47
N PHE A 24 -3.84 -4.09 7.99
CA PHE A 24 -3.24 -4.16 9.32
C PHE A 24 -2.10 -3.16 9.45
N TRP A 25 -1.47 -2.83 8.32
CA TRP A 25 -0.36 -1.89 8.31
C TRP A 25 -0.79 -0.55 7.72
N ARG A 26 -2.00 -0.12 8.04
CA ARG A 26 -2.52 1.15 7.54
C ARG A 26 -2.63 2.17 8.66
N CYS A 27 -2.18 3.40 8.39
CA CYS A 27 -2.22 4.47 9.37
C CYS A 27 -1.62 4.02 10.70
N ASP A 28 -0.66 3.11 10.61
CA ASP A 28 0.01 2.60 11.81
C ASP A 28 1.28 3.40 12.11
N GLY A 29 2.04 3.70 11.07
CA GLY A 29 3.27 4.46 11.25
C GLY A 29 4.50 3.65 10.87
N GLN A 30 4.43 2.93 9.77
CA GLN A 30 5.55 2.11 9.31
C GLN A 30 5.87 2.40 7.85
N VAL A 31 7.16 2.35 7.51
CA VAL A 31 7.60 2.61 6.15
C VAL A 31 7.55 1.34 5.30
N ASP A 32 6.89 0.32 5.83
CA ASP A 32 6.76 -0.96 5.13
C ASP A 32 6.56 -0.73 3.63
N CYS A 33 5.73 0.26 3.29
CA CYS A 33 5.45 0.58 1.90
C CYS A 33 6.74 0.75 1.11
N ASP A 34 6.62 0.85 -0.21
CA ASP A 34 7.78 1.01 -1.08
C ASP A 34 8.04 2.49 -1.36
N ASN A 35 6.97 3.29 -1.32
CA ASN A 35 7.08 4.72 -1.57
C ASN A 35 6.76 5.52 -0.32
N GLY A 36 6.44 4.81 0.77
CA GLY A 36 6.12 5.48 2.02
C GLY A 36 4.80 6.22 1.95
N SER A 37 3.89 5.74 1.11
CA SER A 37 2.58 6.37 0.96
C SER A 37 1.66 5.98 2.11
N ASP A 38 2.15 5.13 3.00
CA ASP A 38 1.36 4.68 4.14
C ASP A 38 1.55 5.63 5.33
N GLU A 39 2.66 6.35 5.33
CA GLU A 39 2.96 7.29 6.41
C GLU A 39 3.13 8.71 5.86
N GLN A 40 2.30 9.06 4.89
CA GLN A 40 2.36 10.38 4.28
C GLN A 40 1.08 11.17 4.53
N GLY A 41 -0.03 10.44 4.68
CA GLY A 41 -1.30 11.09 4.93
C GLY A 41 -1.93 10.64 6.23
N CYS A 42 -1.14 10.00 7.08
CA CYS A 42 -1.63 9.51 8.37
C CYS A 42 -0.51 9.54 9.41
N GLY A 1 -4.42 -6.76 -21.51
CA GLY A 1 -4.12 -5.37 -21.24
C GLY A 1 -2.65 -5.15 -20.89
N SER A 2 -2.31 -3.91 -20.58
CA SER A 2 -0.93 -3.57 -20.22
C SER A 2 -0.89 -2.81 -18.91
N GLN A 3 -0.26 -3.41 -17.90
CA GLN A 3 -0.16 -2.79 -16.58
C GLN A 3 -1.52 -2.60 -15.96
N ASP A 4 -1.95 -3.58 -15.17
CA ASP A 4 -3.25 -3.50 -14.50
C ASP A 4 -3.10 -3.63 -12.99
N VAL A 5 -3.22 -2.51 -12.29
CA VAL A 5 -3.11 -2.49 -10.84
C VAL A 5 -4.30 -3.16 -10.18
N THR A 6 -4.03 -3.92 -9.12
CA THR A 6 -5.09 -4.62 -8.39
C THR A 6 -4.55 -5.27 -7.13
N CYS A 7 -5.38 -5.34 -6.10
CA CYS A 7 -4.98 -5.95 -4.83
C CYS A 7 -6.07 -6.90 -4.32
N SER A 8 -5.90 -7.36 -3.08
CA SER A 8 -6.87 -8.27 -2.48
C SER A 8 -7.97 -7.51 -1.76
N LEU A 9 -8.82 -8.24 -1.04
CA LEU A 9 -9.92 -7.62 -0.30
C LEU A 9 -9.40 -6.72 0.80
N GLY A 10 -8.78 -7.32 1.82
CA GLY A 10 -8.25 -6.56 2.92
C GLY A 10 -6.83 -6.10 2.68
N TYR A 11 -6.59 -5.56 1.49
CA TYR A 11 -5.26 -5.08 1.13
C TYR A 11 -5.35 -3.83 0.25
N PHE A 12 -4.44 -2.88 0.48
CA PHE A 12 -4.42 -1.64 -0.29
C PHE A 12 -3.02 -1.37 -0.83
N PRO A 13 -2.97 -0.69 -1.99
CA PRO A 13 -1.69 -0.35 -2.64
C PRO A 13 -0.92 0.71 -1.86
N CYS A 14 0.26 1.07 -2.37
CA CYS A 14 1.10 2.07 -1.72
C CYS A 14 1.22 3.32 -2.60
N GLY A 15 2.01 3.22 -3.66
CA GLY A 15 2.19 4.34 -4.57
C GLY A 15 2.68 3.92 -5.94
N ASN A 16 3.91 4.30 -6.26
CA ASN A 16 4.50 3.96 -7.56
C ASN A 16 4.38 2.46 -7.83
N ILE A 17 5.07 1.66 -7.01
CA ILE A 17 5.04 0.21 -7.16
C ILE A 17 3.65 -0.34 -6.87
N THR A 18 2.83 0.45 -6.18
CA THR A 18 1.47 0.04 -5.84
C THR A 18 1.48 -1.27 -5.05
N LYS A 19 2.57 -1.52 -4.35
CA LYS A 19 2.71 -2.74 -3.55
C LYS A 19 1.50 -2.91 -2.62
N CYS A 20 0.67 -3.89 -2.92
CA CYS A 20 -0.51 -4.17 -2.11
C CYS A 20 -0.13 -4.69 -0.74
N ILE A 21 -0.58 -4.01 0.31
CA ILE A 21 -0.28 -4.43 1.67
C ILE A 21 -1.56 -4.61 2.49
N PRO A 22 -1.47 -5.39 3.57
CA PRO A 22 -2.61 -5.66 4.45
C PRO A 22 -3.02 -4.43 5.25
N GLN A 23 -4.33 -4.22 5.37
CA GLN A 23 -4.85 -3.07 6.11
C GLN A 23 -4.21 -2.98 7.49
N PHE A 24 -3.77 -4.13 8.01
CA PHE A 24 -3.14 -4.18 9.32
C PHE A 24 -2.01 -3.16 9.42
N TRP A 25 -1.41 -2.84 8.29
CA TRP A 25 -0.31 -1.88 8.26
C TRP A 25 -0.75 -0.58 7.58
N ARG A 26 -1.97 -0.15 7.88
CA ARG A 26 -2.50 1.08 7.31
C ARG A 26 -2.46 2.21 8.33
N CYS A 27 -1.78 3.30 7.97
CA CYS A 27 -1.68 4.46 8.86
C CYS A 27 -1.24 4.03 10.26
N ASP A 28 -0.37 3.02 10.32
CA ASP A 28 0.12 2.51 11.60
C ASP A 28 1.40 3.24 12.00
N GLY A 29 2.19 3.63 11.01
CA GLY A 29 3.42 4.34 11.29
C GLY A 29 4.65 3.54 10.86
N GLN A 30 4.51 2.79 9.77
CA GLN A 30 5.61 1.98 9.27
C GLN A 30 5.93 2.33 7.82
N VAL A 31 7.21 2.31 7.48
CA VAL A 31 7.64 2.63 6.12
C VAL A 31 7.60 1.40 5.22
N ASP A 32 6.93 0.35 5.70
CA ASP A 32 6.82 -0.89 4.93
C ASP A 32 6.63 -0.60 3.45
N CYS A 33 5.79 0.40 3.15
CA CYS A 33 5.52 0.77 1.77
C CYS A 33 6.82 1.04 1.01
N ASP A 34 6.70 1.25 -0.30
CA ASP A 34 7.87 1.50 -1.14
C ASP A 34 8.06 3.00 -1.36
N ASN A 35 6.97 3.76 -1.23
CA ASN A 35 7.01 5.20 -1.43
C ASN A 35 6.67 5.93 -0.12
N GLY A 36 6.27 5.17 0.89
CA GLY A 36 5.93 5.76 2.17
C GLY A 36 4.54 6.36 2.18
N SER A 37 3.68 5.89 1.27
CA SER A 37 2.32 6.38 1.19
C SER A 37 1.50 5.96 2.40
N ASP A 38 2.03 5.01 3.17
CA ASP A 38 1.36 4.52 4.36
C ASP A 38 1.55 5.48 5.53
N GLU A 39 2.63 6.25 5.48
CA GLU A 39 2.93 7.22 6.53
C GLU A 39 3.05 8.63 5.98
N GLN A 40 2.16 8.96 5.04
CA GLN A 40 2.16 10.28 4.41
C GLN A 40 1.26 11.25 5.19
N GLY A 41 1.46 11.31 6.50
CA GLY A 41 0.67 12.20 7.33
C GLY A 41 -0.54 11.49 7.93
N CYS A 42 -0.75 10.24 7.53
CA CYS A 42 -1.88 9.46 8.04
C CYS A 42 -1.76 9.24 9.55
N GLY A 1 2.44 -10.02 -13.17
CA GLY A 1 1.05 -9.94 -12.75
C GLY A 1 0.13 -9.50 -13.88
N SER A 2 0.32 -10.09 -15.06
CA SER A 2 -0.49 -9.74 -16.22
C SER A 2 -0.50 -8.23 -16.45
N GLN A 3 0.61 -7.59 -16.10
CA GLN A 3 0.73 -6.14 -16.27
C GLN A 3 -0.15 -5.40 -15.26
N ASP A 4 -1.46 -5.50 -15.43
CA ASP A 4 -2.40 -4.85 -14.53
C ASP A 4 -2.22 -5.33 -13.10
N VAL A 5 -1.63 -4.47 -12.26
CA VAL A 5 -1.40 -4.81 -10.87
C VAL A 5 -2.69 -4.75 -10.06
N THR A 6 -2.90 -5.76 -9.22
CA THR A 6 -4.10 -5.81 -8.39
C THR A 6 -3.76 -6.23 -6.96
N CYS A 7 -4.74 -6.13 -6.07
CA CYS A 7 -4.55 -6.50 -4.68
C CYS A 7 -5.62 -7.49 -4.22
N SER A 8 -5.67 -7.73 -2.91
CA SER A 8 -6.65 -8.66 -2.35
C SER A 8 -7.80 -7.90 -1.71
N LEU A 9 -8.64 -8.63 -0.98
CA LEU A 9 -9.80 -8.03 -0.31
C LEU A 9 -9.35 -7.09 0.80
N GLY A 10 -8.69 -7.65 1.81
CA GLY A 10 -8.22 -6.84 2.93
C GLY A 10 -6.83 -6.29 2.69
N TYR A 11 -6.62 -5.73 1.50
CA TYR A 11 -5.32 -5.15 1.15
C TYR A 11 -5.49 -3.84 0.39
N PHE A 12 -4.45 -3.02 0.41
CA PHE A 12 -4.49 -1.73 -0.28
C PHE A 12 -3.12 -1.41 -0.90
N PRO A 13 -3.14 -0.69 -2.03
CA PRO A 13 -1.92 -0.30 -2.74
C PRO A 13 -1.12 0.74 -1.97
N CYS A 14 0.14 0.91 -2.36
CA CYS A 14 1.02 1.88 -1.70
C CYS A 14 1.20 3.12 -2.57
N GLY A 15 1.82 2.94 -3.74
CA GLY A 15 2.04 4.06 -4.64
C GLY A 15 2.55 3.61 -6.00
N ASN A 16 3.65 4.21 -6.44
CA ASN A 16 4.25 3.87 -7.73
C ASN A 16 4.45 2.36 -7.85
N ILE A 17 5.12 1.78 -6.86
CA ILE A 17 5.39 0.34 -6.85
C ILE A 17 4.10 -0.45 -6.83
N THR A 18 3.00 0.21 -6.45
CA THR A 18 1.70 -0.44 -6.39
C THR A 18 1.72 -1.64 -5.45
N LYS A 19 2.68 -1.65 -4.53
CA LYS A 19 2.82 -2.73 -3.57
C LYS A 19 1.58 -2.83 -2.68
N CYS A 20 0.85 -3.93 -2.82
CA CYS A 20 -0.37 -4.15 -2.04
C CYS A 20 -0.02 -4.71 -0.65
N ILE A 21 -0.58 -4.10 0.38
CA ILE A 21 -0.34 -4.54 1.75
C ILE A 21 -1.66 -4.69 2.52
N PRO A 22 -1.61 -5.47 3.61
CA PRO A 22 -2.79 -5.71 4.46
C PRO A 22 -3.20 -4.48 5.25
N GLN A 23 -4.50 -4.24 5.31
CA GLN A 23 -5.02 -3.08 6.04
C GLN A 23 -4.40 -2.98 7.43
N PHE A 24 -3.99 -4.12 7.98
CA PHE A 24 -3.37 -4.15 9.29
C PHE A 24 -2.23 -3.14 9.40
N TRP A 25 -1.59 -2.87 8.26
CA TRP A 25 -0.48 -1.93 8.22
C TRP A 25 -0.88 -0.65 7.50
N ARG A 26 -1.99 -0.04 7.92
CA ARG A 26 -2.48 1.19 7.31
C ARG A 26 -2.45 2.34 8.31
N CYS A 27 -1.74 3.41 7.96
CA CYS A 27 -1.64 4.58 8.82
C CYS A 27 -1.26 4.16 10.24
N ASP A 28 -0.49 3.09 10.36
CA ASP A 28 -0.06 2.61 11.66
C ASP A 28 1.27 3.23 12.07
N GLY A 29 2.11 3.54 11.07
CA GLY A 29 3.39 4.14 11.35
C GLY A 29 4.55 3.30 10.85
N GLN A 30 4.33 2.61 9.73
CA GLN A 30 5.37 1.75 9.14
C GLN A 30 5.73 2.21 7.74
N VAL A 31 7.01 2.11 7.40
CA VAL A 31 7.48 2.52 6.08
C VAL A 31 7.40 1.37 5.08
N ASP A 32 6.68 0.32 5.47
CA ASP A 32 6.52 -0.84 4.61
C ASP A 32 6.33 -0.42 3.14
N CYS A 33 5.61 0.67 2.94
CA CYS A 33 5.35 1.18 1.60
C CYS A 33 6.62 1.77 0.99
N ASP A 34 7.00 1.28 -0.19
CA ASP A 34 8.19 1.76 -0.87
C ASP A 34 8.13 3.27 -1.07
N ASN A 35 6.92 3.78 -1.25
CA ASN A 35 6.72 5.22 -1.46
C ASN A 35 6.31 5.91 -0.16
N GLY A 36 6.34 5.15 0.94
CA GLY A 36 5.97 5.70 2.22
C GLY A 36 4.61 6.39 2.19
N SER A 37 3.76 5.96 1.28
CA SER A 37 2.43 6.54 1.14
C SER A 37 1.58 6.25 2.38
N ASP A 38 2.00 5.27 3.16
CA ASP A 38 1.28 4.89 4.37
C ASP A 38 1.61 5.84 5.52
N GLU A 39 2.75 6.51 5.41
CA GLU A 39 3.19 7.44 6.44
C GLU A 39 3.33 8.85 5.87
N GLN A 40 2.40 9.23 5.01
CA GLN A 40 2.40 10.55 4.40
C GLN A 40 1.23 11.39 4.88
N GLY A 41 1.27 11.78 6.15
CA GLY A 41 0.21 12.58 6.72
C GLY A 41 -0.51 11.87 7.86
N CYS A 42 -0.40 10.54 7.89
CA CYS A 42 -1.04 9.75 8.93
C CYS A 42 -0.04 8.83 9.61
N GLY A 1 7.98 -12.25 -7.78
CA GLY A 1 8.80 -11.55 -8.75
C GLY A 1 8.15 -10.28 -9.27
N SER A 2 7.42 -10.41 -10.37
CA SER A 2 6.74 -9.26 -10.97
C SER A 2 5.34 -9.10 -10.40
N GLN A 3 4.94 -7.85 -10.17
CA GLN A 3 3.62 -7.56 -9.62
C GLN A 3 3.33 -6.07 -9.65
N ASP A 4 2.16 -5.70 -10.14
CA ASP A 4 1.77 -4.30 -10.23
C ASP A 4 0.24 -4.17 -10.40
N VAL A 5 -0.35 -3.22 -9.68
CA VAL A 5 -1.79 -3.00 -9.76
C VAL A 5 -2.56 -4.23 -9.30
N THR A 6 -3.83 -4.03 -8.96
CA THR A 6 -4.69 -5.12 -8.50
C THR A 6 -4.21 -5.66 -7.16
N CYS A 7 -5.13 -5.70 -6.19
CA CYS A 7 -4.81 -6.19 -4.86
C CYS A 7 -5.89 -7.15 -4.36
N SER A 8 -5.82 -7.49 -3.08
CA SER A 8 -6.78 -8.40 -2.48
C SER A 8 -7.92 -7.63 -1.81
N LEU A 9 -8.75 -8.35 -1.06
CA LEU A 9 -9.87 -7.72 -0.36
C LEU A 9 -9.39 -6.82 0.76
N GLY A 10 -8.75 -7.41 1.76
CA GLY A 10 -8.24 -6.64 2.88
C GLY A 10 -6.83 -6.12 2.64
N TYR A 11 -6.62 -5.55 1.46
CA TYR A 11 -5.31 -5.01 1.09
C TYR A 11 -5.45 -3.69 0.35
N PHE A 12 -4.40 -2.88 0.39
CA PHE A 12 -4.41 -1.59 -0.29
C PHE A 12 -3.05 -1.29 -0.92
N PRO A 13 -3.04 -0.48 -1.98
CA PRO A 13 -1.82 -0.10 -2.69
C PRO A 13 -0.93 0.82 -1.86
N CYS A 14 0.32 0.97 -2.30
CA CYS A 14 1.27 1.83 -1.59
C CYS A 14 1.47 3.15 -2.33
N GLY A 15 2.14 3.08 -3.48
CA GLY A 15 2.39 4.27 -4.27
C GLY A 15 2.64 3.96 -5.72
N ASN A 16 3.80 4.38 -6.22
CA ASN A 16 4.16 4.15 -7.62
C ASN A 16 4.13 2.66 -7.94
N ILE A 17 4.87 1.87 -7.16
CA ILE A 17 4.94 0.43 -7.36
C ILE A 17 3.57 -0.21 -7.15
N THR A 18 2.69 0.50 -6.46
CA THR A 18 1.33 0.00 -6.20
C THR A 18 1.39 -1.24 -5.30
N LYS A 19 2.46 -1.37 -4.53
CA LYS A 19 2.62 -2.50 -3.63
C LYS A 19 1.39 -2.67 -2.76
N CYS A 20 0.71 -3.81 -2.91
CA CYS A 20 -0.49 -4.09 -2.13
C CYS A 20 -0.12 -4.67 -0.77
N ILE A 21 -0.60 -4.03 0.29
CA ILE A 21 -0.32 -4.49 1.65
C ILE A 21 -1.61 -4.65 2.45
N PRO A 22 -1.55 -5.49 3.51
CA PRO A 22 -2.70 -5.74 4.37
C PRO A 22 -3.08 -4.53 5.22
N GLN A 23 -4.37 -4.27 5.33
CA GLN A 23 -4.85 -3.13 6.11
C GLN A 23 -4.22 -3.11 7.49
N PHE A 24 -3.81 -4.28 7.97
CA PHE A 24 -3.17 -4.39 9.28
C PHE A 24 -2.00 -3.42 9.40
N TRP A 25 -1.38 -3.11 8.27
CA TRP A 25 -0.24 -2.19 8.26
C TRP A 25 -0.63 -0.86 7.62
N ARG A 26 -1.81 -0.36 7.98
CA ARG A 26 -2.29 0.91 7.45
C ARG A 26 -2.25 2.00 8.51
N CYS A 27 -1.69 3.15 8.15
CA CYS A 27 -1.57 4.27 9.08
C CYS A 27 -0.95 3.83 10.39
N ASP A 28 0.03 2.93 10.31
CA ASP A 28 0.71 2.42 11.51
C ASP A 28 2.06 3.11 11.68
N GLY A 29 2.29 4.18 10.92
CA GLY A 29 3.54 4.89 11.01
C GLY A 29 4.73 4.05 10.59
N GLN A 30 4.49 3.09 9.69
CA GLN A 30 5.55 2.21 9.21
C GLN A 30 5.88 2.51 7.76
N VAL A 31 7.18 2.50 7.44
CA VAL A 31 7.63 2.76 6.08
C VAL A 31 7.60 1.50 5.23
N ASP A 32 6.96 0.46 5.76
CA ASP A 32 6.86 -0.82 5.06
C ASP A 32 6.66 -0.60 3.56
N CYS A 33 5.81 0.36 3.22
CA CYS A 33 5.53 0.68 1.82
C CYS A 33 6.80 1.08 1.09
N ASP A 34 6.97 0.55 -0.13
CA ASP A 34 8.15 0.85 -0.93
C ASP A 34 8.31 2.36 -1.11
N ASN A 35 7.19 3.08 -1.04
CA ASN A 35 7.22 4.53 -1.19
C ASN A 35 6.90 5.23 0.13
N GLY A 36 6.46 4.45 1.11
CA GLY A 36 6.13 5.01 2.41
C GLY A 36 4.89 5.88 2.36
N SER A 37 4.11 5.75 1.30
CA SER A 37 2.90 6.54 1.14
C SER A 37 1.91 6.24 2.27
N ASP A 38 2.11 5.12 2.94
CA ASP A 38 1.24 4.73 4.04
C ASP A 38 1.40 5.67 5.23
N GLU A 39 2.54 6.35 5.29
CA GLU A 39 2.81 7.30 6.37
C GLU A 39 2.93 8.72 5.83
N GLN A 40 2.08 9.06 4.88
CA GLN A 40 2.09 10.39 4.28
C GLN A 40 0.75 11.10 4.48
N GLY A 41 0.43 11.40 5.74
CA GLY A 41 -0.82 12.07 6.04
C GLY A 41 -1.68 11.28 7.00
N CYS A 42 -1.33 10.01 7.21
CA CYS A 42 -2.07 9.15 8.11
C CYS A 42 -1.38 9.05 9.47
N GLY A 1 -12.35 -3.37 -15.21
CA GLY A 1 -11.83 -4.71 -15.42
C GLY A 1 -10.34 -4.80 -15.20
N SER A 2 -9.72 -5.84 -15.75
CA SER A 2 -8.28 -6.05 -15.59
C SER A 2 -7.50 -4.89 -16.20
N GLN A 3 -6.65 -4.27 -15.39
CA GLN A 3 -5.85 -3.14 -15.84
C GLN A 3 -4.38 -3.52 -15.93
N ASP A 4 -3.73 -3.65 -14.78
CA ASP A 4 -2.32 -4.02 -14.73
C ASP A 4 -1.96 -4.56 -13.36
N VAL A 5 -2.17 -3.75 -12.32
CA VAL A 5 -1.87 -4.16 -10.95
C VAL A 5 -3.10 -4.10 -10.07
N THR A 6 -3.30 -5.13 -9.26
CA THR A 6 -4.45 -5.19 -8.36
C THR A 6 -4.05 -5.74 -7.00
N CYS A 7 -4.96 -5.64 -6.04
CA CYS A 7 -4.71 -6.13 -4.69
C CYS A 7 -5.79 -7.11 -4.25
N SER A 8 -5.78 -7.45 -2.96
CA SER A 8 -6.77 -8.39 -2.41
C SER A 8 -7.87 -7.64 -1.67
N LEU A 9 -8.75 -8.40 -1.03
CA LEU A 9 -9.85 -7.81 -0.28
C LEU A 9 -9.34 -7.04 0.93
N GLY A 10 -8.56 -7.72 1.76
CA GLY A 10 -8.02 -7.08 2.96
C GLY A 10 -6.65 -6.47 2.71
N TYR A 11 -6.47 -5.89 1.53
CA TYR A 11 -5.20 -5.27 1.17
C TYR A 11 -5.42 -3.97 0.39
N PHE A 12 -4.41 -3.10 0.39
CA PHE A 12 -4.50 -1.83 -0.32
C PHE A 12 -3.16 -1.47 -0.95
N PRO A 13 -3.21 -0.71 -2.04
CA PRO A 13 -2.01 -0.27 -2.76
C PRO A 13 -1.19 0.74 -1.97
N CYS A 14 0.06 0.95 -2.38
CA CYS A 14 0.94 1.90 -1.71
C CYS A 14 1.08 3.17 -2.52
N GLY A 15 1.76 3.07 -3.67
CA GLY A 15 1.95 4.23 -4.52
C GLY A 15 2.40 3.85 -5.92
N ASN A 16 3.57 4.34 -6.32
CA ASN A 16 4.10 4.05 -7.64
C ASN A 16 4.28 2.54 -7.85
N ILE A 17 4.99 1.91 -6.91
CA ILE A 17 5.23 0.47 -6.99
C ILE A 17 3.92 -0.31 -6.94
N THR A 18 2.86 0.36 -6.49
CA THR A 18 1.55 -0.28 -6.41
C THR A 18 1.58 -1.48 -5.46
N LYS A 19 2.56 -1.49 -4.56
CA LYS A 19 2.70 -2.58 -3.61
C LYS A 19 1.44 -2.72 -2.75
N CYS A 20 0.82 -3.90 -2.79
CA CYS A 20 -0.39 -4.16 -2.01
C CYS A 20 -0.04 -4.70 -0.63
N ILE A 21 -0.53 -4.03 0.41
CA ILE A 21 -0.26 -4.44 1.78
C ILE A 21 -1.56 -4.65 2.55
N PRO A 22 -1.50 -5.45 3.62
CA PRO A 22 -2.67 -5.74 4.47
C PRO A 22 -3.11 -4.52 5.27
N GLN A 23 -4.42 -4.32 5.36
CA GLN A 23 -4.97 -3.19 6.11
C GLN A 23 -4.34 -3.10 7.49
N PHE A 24 -3.89 -4.24 8.01
CA PHE A 24 -3.27 -4.28 9.32
C PHE A 24 -2.16 -3.25 9.44
N TRP A 25 -1.52 -2.94 8.31
CA TRP A 25 -0.44 -1.97 8.28
C TRP A 25 -0.86 -0.70 7.56
N ARG A 26 -1.93 -0.07 8.04
CA ARG A 26 -2.43 1.15 7.44
C ARG A 26 -2.53 2.27 8.47
N CYS A 27 -1.91 3.41 8.16
CA CYS A 27 -1.93 4.56 9.06
C CYS A 27 -1.56 4.14 10.48
N ASP A 28 -0.48 3.37 10.60
CA ASP A 28 -0.03 2.90 11.91
C ASP A 28 1.36 3.44 12.22
N GLY A 29 2.11 3.76 11.17
CA GLY A 29 3.46 4.28 11.36
C GLY A 29 4.53 3.33 10.86
N GLN A 30 4.29 2.72 9.71
CA GLN A 30 5.24 1.78 9.13
C GLN A 30 5.62 2.18 7.71
N VAL A 31 6.91 2.13 7.40
CA VAL A 31 7.39 2.50 6.07
C VAL A 31 7.36 1.29 5.13
N ASP A 32 6.70 0.23 5.57
CA ASP A 32 6.58 -0.98 4.76
C ASP A 32 6.37 -0.65 3.29
N CYS A 33 5.58 0.39 3.03
CA CYS A 33 5.29 0.82 1.68
C CYS A 33 6.57 1.29 0.97
N ASP A 34 6.78 0.79 -0.24
CA ASP A 34 7.95 1.16 -1.02
C ASP A 34 8.04 2.68 -1.20
N ASN A 35 6.88 3.31 -1.35
CA ASN A 35 6.83 4.76 -1.53
C ASN A 35 6.44 5.46 -0.22
N GLY A 36 6.28 4.66 0.83
CA GLY A 36 5.91 5.22 2.13
C GLY A 36 4.70 6.14 2.04
N SER A 37 3.79 5.82 1.14
CA SER A 37 2.58 6.62 0.95
C SER A 37 1.58 6.36 2.07
N ASP A 38 1.91 5.41 2.94
CA ASP A 38 1.03 5.06 4.05
C ASP A 38 1.36 5.90 5.29
N GLU A 39 2.57 6.45 5.32
CA GLU A 39 2.99 7.28 6.45
C GLU A 39 3.35 8.68 5.99
N GLN A 40 2.58 9.20 5.05
CA GLN A 40 2.81 10.54 4.52
C GLN A 40 1.66 11.48 4.87
N GLY A 41 1.48 11.74 6.17
CA GLY A 41 0.42 12.61 6.62
C GLY A 41 -0.48 11.95 7.65
N CYS A 42 -0.40 10.62 7.74
CA CYS A 42 -1.22 9.87 8.68
C CYS A 42 -0.47 9.66 9.99
N GLY A 1 3.98 -1.73 -17.61
CA GLY A 1 4.08 -1.31 -18.99
C GLY A 1 2.73 -1.20 -19.67
N SER A 2 1.95 -2.28 -19.60
CA SER A 2 0.63 -2.31 -20.21
C SER A 2 -0.28 -3.30 -19.49
N GLN A 3 -0.10 -3.41 -18.18
CA GLN A 3 -0.91 -4.32 -17.38
C GLN A 3 -1.61 -3.58 -16.24
N ASP A 4 -2.66 -4.17 -15.72
CA ASP A 4 -3.41 -3.57 -14.62
C ASP A 4 -3.01 -4.18 -13.28
N VAL A 5 -2.61 -3.31 -12.34
CA VAL A 5 -2.20 -3.76 -11.02
C VAL A 5 -3.34 -3.65 -10.03
N THR A 6 -3.65 -4.75 -9.35
CA THR A 6 -4.72 -4.78 -8.36
C THR A 6 -4.25 -5.38 -7.05
N CYS A 7 -5.13 -5.38 -6.04
CA CYS A 7 -4.80 -5.93 -4.74
C CYS A 7 -5.84 -6.96 -4.31
N SER A 8 -5.74 -7.41 -3.07
CA SER A 8 -6.67 -8.40 -2.53
C SER A 8 -7.81 -7.71 -1.77
N LEU A 9 -8.60 -8.52 -1.05
CA LEU A 9 -9.71 -7.99 -0.29
C LEU A 9 -9.23 -7.10 0.85
N GLY A 10 -8.56 -7.71 1.83
CA GLY A 10 -8.05 -6.95 2.95
C GLY A 10 -6.67 -6.38 2.68
N TYR A 11 -6.51 -5.75 1.53
CA TYR A 11 -5.23 -5.16 1.16
C TYR A 11 -5.43 -3.86 0.37
N PHE A 12 -4.43 -2.99 0.43
CA PHE A 12 -4.50 -1.72 -0.28
C PHE A 12 -3.16 -1.37 -0.92
N PRO A 13 -3.20 -0.58 -1.99
CA PRO A 13 -1.99 -0.16 -2.72
C PRO A 13 -1.15 0.83 -1.91
N CYS A 14 0.09 1.02 -2.35
CA CYS A 14 1.00 1.94 -1.66
C CYS A 14 1.21 3.20 -2.48
N GLY A 15 1.93 3.09 -3.59
CA GLY A 15 2.19 4.23 -4.44
C GLY A 15 2.63 3.83 -5.83
N ASN A 16 3.75 4.39 -6.28
CA ASN A 16 4.28 4.10 -7.61
C ASN A 16 4.44 2.59 -7.80
N ILE A 17 5.07 1.94 -6.81
CA ILE A 17 5.28 0.50 -6.88
C ILE A 17 3.96 -0.26 -6.82
N THR A 18 2.90 0.44 -6.43
CA THR A 18 1.57 -0.17 -6.33
C THR A 18 1.61 -1.40 -5.42
N LYS A 19 2.57 -1.43 -4.51
CA LYS A 19 2.70 -2.55 -3.58
C LYS A 19 1.45 -2.68 -2.70
N CYS A 20 0.79 -3.83 -2.79
CA CYS A 20 -0.41 -4.09 -2.01
C CYS A 20 -0.06 -4.64 -0.63
N ILE A 21 -0.54 -3.97 0.40
CA ILE A 21 -0.28 -4.39 1.78
C ILE A 21 -1.59 -4.57 2.55
N PRO A 22 -1.53 -5.37 3.62
CA PRO A 22 -2.69 -5.65 4.47
C PRO A 22 -3.11 -4.44 5.29
N GLN A 23 -4.41 -4.21 5.38
CA GLN A 23 -4.95 -3.08 6.13
C GLN A 23 -4.32 -3.01 7.52
N PHE A 24 -3.88 -4.15 8.02
CA PHE A 24 -3.27 -4.21 9.35
C PHE A 24 -2.13 -3.20 9.46
N TRP A 25 -1.50 -2.89 8.33
CA TRP A 25 -0.40 -1.93 8.30
C TRP A 25 -0.82 -0.64 7.61
N ARG A 26 -1.88 -0.01 8.12
CA ARG A 26 -2.37 1.24 7.55
C ARG A 26 -2.46 2.32 8.61
N CYS A 27 -1.87 3.47 8.32
CA CYS A 27 -1.89 4.59 9.26
C CYS A 27 -1.42 4.16 10.64
N ASP A 28 -0.55 3.16 10.68
CA ASP A 28 -0.02 2.64 11.93
C ASP A 28 1.33 3.28 12.25
N GLY A 29 2.12 3.53 11.21
CA GLY A 29 3.43 4.13 11.39
C GLY A 29 4.55 3.23 10.92
N GLN A 30 4.37 2.64 9.73
CA GLN A 30 5.38 1.75 9.17
C GLN A 30 5.73 2.16 7.75
N VAL A 31 7.01 2.11 7.42
CA VAL A 31 7.48 2.48 6.09
C VAL A 31 7.43 1.30 5.14
N ASP A 32 6.76 0.23 5.56
CA ASP A 32 6.63 -0.97 4.75
C ASP A 32 6.42 -0.61 3.28
N CYS A 33 5.63 0.43 3.03
CA CYS A 33 5.35 0.88 1.67
C CYS A 33 6.62 1.34 0.98
N ASP A 34 6.92 0.73 -0.16
CA ASP A 34 8.11 1.09 -0.94
C ASP A 34 8.16 2.59 -1.20
N ASN A 35 6.99 3.21 -1.23
CA ASN A 35 6.91 4.66 -1.49
C ASN A 35 6.64 5.41 -0.19
N GLY A 36 6.25 4.68 0.85
CA GLY A 36 5.97 5.30 2.14
C GLY A 36 4.77 6.23 2.08
N SER A 37 3.85 5.95 1.17
CA SER A 37 2.66 6.77 1.01
C SER A 37 1.67 6.50 2.14
N ASP A 38 1.97 5.50 2.96
CA ASP A 38 1.12 5.14 4.09
C ASP A 38 1.48 5.95 5.33
N GLU A 39 2.69 6.50 5.34
CA GLU A 39 3.16 7.30 6.47
C GLU A 39 3.56 8.70 6.02
N GLN A 40 2.79 9.26 5.09
CA GLN A 40 3.07 10.59 4.56
C GLN A 40 1.90 11.53 4.83
N GLY A 41 0.69 10.98 4.87
CA GLY A 41 -0.49 11.78 5.12
C GLY A 41 -1.28 11.29 6.32
N CYS A 42 -0.67 10.45 7.13
CA CYS A 42 -1.32 9.90 8.31
C CYS A 42 -0.37 9.88 9.50
N GLY A 1 11.42 -3.66 -17.22
CA GLY A 1 10.73 -3.15 -16.05
C GLY A 1 9.73 -4.14 -15.48
N SER A 2 9.54 -4.10 -14.17
CA SER A 2 8.61 -5.01 -13.50
C SER A 2 7.67 -4.23 -12.58
N GLN A 3 6.41 -4.68 -12.53
CA GLN A 3 5.41 -4.04 -11.68
C GLN A 3 4.24 -4.98 -11.43
N ASP A 4 3.48 -4.69 -10.37
CA ASP A 4 2.33 -5.51 -10.01
C ASP A 4 1.11 -4.63 -9.69
N VAL A 5 -0.05 -5.05 -10.17
CA VAL A 5 -1.28 -4.31 -9.93
C VAL A 5 -2.34 -5.19 -9.28
N THR A 6 -3.47 -4.58 -8.93
CA THR A 6 -4.57 -5.32 -8.30
C THR A 6 -4.14 -5.87 -6.94
N CYS A 7 -5.05 -5.82 -5.98
CA CYS A 7 -4.78 -6.33 -4.64
C CYS A 7 -5.87 -7.28 -4.18
N SER A 8 -5.85 -7.62 -2.90
CA SER A 8 -6.84 -8.53 -2.33
C SER A 8 -7.96 -7.75 -1.64
N LEU A 9 -8.80 -8.46 -0.90
CA LEU A 9 -9.92 -7.84 -0.19
C LEU A 9 -9.41 -6.87 0.87
N GLY A 10 -8.77 -7.40 1.90
CA GLY A 10 -8.25 -6.57 2.97
C GLY A 10 -6.84 -6.09 2.68
N TYR A 11 -6.61 -5.61 1.47
CA TYR A 11 -5.30 -5.13 1.07
C TYR A 11 -5.41 -3.87 0.21
N PHE A 12 -4.41 -3.01 0.28
CA PHE A 12 -4.41 -1.77 -0.48
C PHE A 12 -3.01 -1.47 -1.01
N PRO A 13 -2.94 -0.74 -2.14
CA PRO A 13 -1.67 -0.38 -2.78
C PRO A 13 -0.90 0.66 -1.96
N CYS A 14 0.39 0.81 -2.27
CA CYS A 14 1.24 1.77 -1.58
C CYS A 14 1.37 3.06 -2.36
N GLY A 15 2.16 3.02 -3.42
CA GLY A 15 2.36 4.21 -4.24
C GLY A 15 2.58 3.87 -5.71
N ASN A 16 3.60 4.47 -6.30
CA ASN A 16 3.92 4.24 -7.70
C ASN A 16 4.04 2.74 -7.99
N ILE A 17 4.82 2.05 -7.16
CA ILE A 17 5.03 0.62 -7.32
C ILE A 17 3.71 -0.14 -7.24
N THR A 18 2.71 0.49 -6.61
CA THR A 18 1.40 -0.13 -6.47
C THR A 18 1.47 -1.35 -5.57
N LYS A 19 2.51 -1.43 -4.75
CA LYS A 19 2.68 -2.56 -3.84
C LYS A 19 1.50 -2.69 -2.90
N CYS A 20 0.79 -3.81 -3.00
CA CYS A 20 -0.38 -4.06 -2.16
C CYS A 20 0.05 -4.59 -0.79
N ILE A 21 -0.60 -4.10 0.26
CA ILE A 21 -0.29 -4.53 1.62
C ILE A 21 -1.56 -4.69 2.45
N PRO A 22 -1.46 -5.46 3.54
CA PRO A 22 -2.59 -5.71 4.44
C PRO A 22 -2.99 -4.48 5.23
N GLN A 23 -4.29 -4.23 5.32
CA GLN A 23 -4.81 -3.08 6.06
C GLN A 23 -4.17 -2.99 7.44
N PHE A 24 -3.74 -4.14 7.97
CA PHE A 24 -3.13 -4.19 9.29
C PHE A 24 -1.99 -3.17 9.39
N TRP A 25 -1.38 -2.85 8.25
CA TRP A 25 -0.28 -1.90 8.22
C TRP A 25 -0.70 -0.60 7.54
N ARG A 26 -1.92 -0.16 7.83
CA ARG A 26 -2.45 1.07 7.24
C ARG A 26 -2.54 2.17 8.29
N CYS A 27 -2.05 3.35 7.94
CA CYS A 27 -2.07 4.49 8.86
C CYS A 27 -1.55 4.09 10.24
N ASP A 28 -0.60 3.16 10.26
CA ASP A 28 -0.01 2.70 11.51
C ASP A 28 1.23 3.51 11.87
N GLY A 29 1.91 4.03 10.84
CA GLY A 29 3.11 4.81 11.06
C GLY A 29 4.36 4.03 10.75
N GLN A 30 4.28 3.12 9.79
CA GLN A 30 5.42 2.30 9.40
C GLN A 30 5.79 2.54 7.95
N VAL A 31 7.09 2.55 7.67
CA VAL A 31 7.58 2.78 6.31
C VAL A 31 7.63 1.47 5.52
N ASP A 32 6.98 0.44 6.06
CA ASP A 32 6.95 -0.85 5.40
C ASP A 32 6.81 -0.70 3.89
N CYS A 33 5.95 0.22 3.47
CA CYS A 33 5.73 0.47 2.06
C CYS A 33 7.04 0.73 1.33
N ASP A 34 6.97 0.85 0.01
CA ASP A 34 8.16 1.09 -0.80
C ASP A 34 8.18 2.52 -1.32
N ASN A 35 7.06 3.22 -1.17
CA ASN A 35 6.94 4.60 -1.62
C ASN A 35 6.58 5.52 -0.45
N GLY A 36 6.62 4.98 0.75
CA GLY A 36 6.29 5.76 1.93
C GLY A 36 4.97 6.49 1.80
N SER A 37 4.00 5.84 1.17
CA SER A 37 2.68 6.43 0.96
C SER A 37 1.72 6.01 2.07
N ASP A 38 2.17 5.09 2.92
CA ASP A 38 1.36 4.60 4.02
C ASP A 38 1.44 5.53 5.21
N GLU A 39 2.51 6.31 5.29
CA GLU A 39 2.70 7.25 6.38
C GLU A 39 2.83 8.68 5.86
N GLN A 40 2.01 9.01 4.86
CA GLN A 40 2.04 10.34 4.27
C GLN A 40 0.84 11.17 4.74
N GLY A 41 0.81 11.47 6.04
CA GLY A 41 -0.28 12.25 6.58
C GLY A 41 -1.05 11.50 7.66
N CYS A 42 -0.84 10.19 7.71
CA CYS A 42 -1.52 9.35 8.70
C CYS A 42 -0.63 9.11 9.91
N GLY A 1 -16.20 1.87 -8.93
CA GLY A 1 -15.04 1.18 -9.47
C GLY A 1 -13.78 2.01 -9.37
N SER A 2 -13.63 2.75 -8.28
CA SER A 2 -12.47 3.60 -8.07
C SER A 2 -11.18 2.79 -8.19
N GLN A 3 -11.04 1.80 -7.32
CA GLN A 3 -9.86 0.94 -7.33
C GLN A 3 -9.79 0.11 -8.60
N ASP A 4 -8.58 -0.30 -8.98
CA ASP A 4 -8.39 -1.11 -10.18
C ASP A 4 -7.06 -1.85 -10.11
N VAL A 5 -6.62 -2.17 -8.90
CA VAL A 5 -5.37 -2.88 -8.70
C VAL A 5 -5.61 -4.39 -8.59
N THR A 6 -4.53 -5.16 -8.65
CA THR A 6 -4.61 -6.61 -8.56
C THR A 6 -4.52 -7.08 -7.11
N CYS A 7 -4.67 -6.14 -6.18
CA CYS A 7 -4.61 -6.45 -4.76
C CYS A 7 -5.76 -7.35 -4.35
N SER A 8 -5.86 -7.63 -3.06
CA SER A 8 -6.93 -8.49 -2.53
C SER A 8 -8.01 -7.66 -1.87
N LEU A 9 -8.87 -8.33 -1.09
CA LEU A 9 -9.96 -7.65 -0.40
C LEU A 9 -9.42 -6.75 0.72
N GLY A 10 -8.78 -7.38 1.70
CA GLY A 10 -8.23 -6.63 2.82
C GLY A 10 -6.82 -6.16 2.55
N TYR A 11 -6.59 -5.60 1.37
CA TYR A 11 -5.27 -5.11 0.99
C TYR A 11 -5.38 -3.81 0.20
N PHE A 12 -4.36 -2.97 0.30
CA PHE A 12 -4.34 -1.69 -0.41
C PHE A 12 -2.94 -1.41 -0.96
N PRO A 13 -2.89 -0.63 -2.06
CA PRO A 13 -1.63 -0.26 -2.71
C PRO A 13 -0.80 0.70 -1.87
N CYS A 14 0.41 1.01 -2.34
CA CYS A 14 1.29 1.91 -1.63
C CYS A 14 1.40 3.25 -2.35
N GLY A 15 2.14 3.26 -3.46
CA GLY A 15 2.30 4.48 -4.22
C GLY A 15 2.48 4.22 -5.70
N ASN A 16 3.70 4.37 -6.19
CA ASN A 16 4.00 4.15 -7.60
C ASN A 16 4.00 2.66 -7.94
N ILE A 17 4.67 1.88 -7.10
CA ILE A 17 4.75 0.44 -7.29
C ILE A 17 3.41 -0.23 -7.01
N THR A 18 2.48 0.52 -6.42
CA THR A 18 1.16 0.00 -6.11
C THR A 18 1.25 -1.25 -5.24
N LYS A 19 2.35 -1.37 -4.50
CA LYS A 19 2.55 -2.52 -3.62
C LYS A 19 1.33 -2.78 -2.76
N CYS A 20 0.69 -3.92 -2.96
CA CYS A 20 -0.49 -4.28 -2.18
C CYS A 20 -0.11 -4.83 -0.82
N ILE A 21 -0.59 -4.18 0.24
CA ILE A 21 -0.28 -4.59 1.60
C ILE A 21 -1.57 -4.77 2.41
N PRO A 22 -1.48 -5.57 3.48
CA PRO A 22 -2.62 -5.83 4.36
C PRO A 22 -3.02 -4.61 5.19
N GLN A 23 -4.31 -4.36 5.29
CA GLN A 23 -4.81 -3.22 6.05
C GLN A 23 -4.17 -3.16 7.43
N PHE A 24 -3.75 -4.32 7.93
CA PHE A 24 -3.13 -4.40 9.24
C PHE A 24 -1.97 -3.41 9.36
N TRP A 25 -1.36 -3.09 8.23
CA TRP A 25 -0.24 -2.16 8.19
C TRP A 25 -0.65 -0.84 7.55
N ARG A 26 -1.83 -0.35 7.90
CA ARG A 26 -2.35 0.90 7.36
C ARG A 26 -2.32 2.00 8.42
N CYS A 27 -1.73 3.14 8.07
CA CYS A 27 -1.64 4.26 8.99
C CYS A 27 -1.01 3.84 10.32
N ASP A 28 -0.03 2.95 10.24
CA ASP A 28 0.65 2.46 11.44
C ASP A 28 1.99 3.16 11.61
N GLY A 29 2.19 4.26 10.88
CA GLY A 29 3.43 5.00 10.97
C GLY A 29 4.64 4.16 10.57
N GLN A 30 4.41 3.16 9.74
CA GLN A 30 5.47 2.28 9.28
C GLN A 30 5.81 2.55 7.81
N VAL A 31 7.11 2.58 7.51
CA VAL A 31 7.56 2.82 6.14
C VAL A 31 7.55 1.54 5.32
N ASP A 32 6.92 0.50 5.86
CA ASP A 32 6.84 -0.78 5.18
C ASP A 32 6.61 -0.60 3.69
N CYS A 33 5.75 0.36 3.34
CA CYS A 33 5.44 0.65 1.95
C CYS A 33 6.72 1.02 1.17
N ASP A 34 6.80 0.56 -0.07
CA ASP A 34 7.95 0.85 -0.91
C ASP A 34 8.19 2.35 -1.01
N ASN A 35 7.12 3.12 -1.02
CA ASN A 35 7.21 4.58 -1.10
C ASN A 35 6.75 5.23 0.20
N GLY A 36 6.51 4.41 1.22
CA GLY A 36 6.08 4.93 2.50
C GLY A 36 4.88 5.85 2.38
N SER A 37 4.03 5.58 1.39
CA SER A 37 2.85 6.41 1.16
C SER A 37 1.80 6.16 2.24
N ASP A 38 1.96 5.08 2.99
CA ASP A 38 1.04 4.72 4.05
C ASP A 38 1.23 5.66 5.25
N GLU A 39 2.35 6.36 5.27
CA GLU A 39 2.65 7.29 6.37
C GLU A 39 2.86 8.70 5.84
N GLN A 40 2.06 9.08 4.85
CA GLN A 40 2.16 10.42 4.25
C GLN A 40 0.93 11.25 4.56
N GLY A 41 -0.21 10.57 4.75
CA GLY A 41 -1.44 11.27 5.05
C GLY A 41 -1.98 10.92 6.42
N CYS A 42 -1.16 10.26 7.23
CA CYS A 42 -1.55 9.87 8.58
C CYS A 42 -0.51 10.32 9.61
N GLY A 1 -4.36 -11.65 -16.19
CA GLY A 1 -3.04 -11.36 -15.68
C GLY A 1 -3.06 -10.23 -14.66
N SER A 2 -1.89 -9.65 -14.42
CA SER A 2 -1.77 -8.54 -13.47
C SER A 2 -1.05 -7.35 -14.09
N GLN A 3 -1.67 -6.78 -15.13
CA GLN A 3 -1.08 -5.63 -15.82
C GLN A 3 -1.91 -4.37 -15.55
N ASP A 4 -2.59 -4.34 -14.41
CA ASP A 4 -3.41 -3.19 -14.05
C ASP A 4 -3.57 -3.10 -12.53
N VAL A 5 -2.59 -3.65 -11.81
CA VAL A 5 -2.63 -3.63 -10.35
C VAL A 5 -3.79 -4.46 -9.81
N THR A 6 -3.47 -5.50 -9.06
CA THR A 6 -4.48 -6.38 -8.48
C THR A 6 -4.22 -6.63 -7.00
N CYS A 7 -5.25 -6.47 -6.19
CA CYS A 7 -5.13 -6.69 -4.75
C CYS A 7 -6.29 -7.53 -4.23
N SER A 8 -6.40 -7.61 -2.90
CA SER A 8 -7.47 -8.39 -2.28
C SER A 8 -8.52 -7.47 -1.66
N LEU A 9 -9.39 -8.05 -0.84
CA LEU A 9 -10.45 -7.29 -0.19
C LEU A 9 -9.95 -6.70 1.12
N GLY A 10 -8.77 -7.14 1.57
CA GLY A 10 -8.21 -6.65 2.81
C GLY A 10 -6.84 -6.04 2.62
N TYR A 11 -6.56 -5.58 1.41
CA TYR A 11 -5.26 -4.98 1.09
C TYR A 11 -5.44 -3.67 0.31
N PHE A 12 -4.39 -2.86 0.29
CA PHE A 12 -4.43 -1.58 -0.41
C PHE A 12 -3.06 -1.24 -1.01
N PRO A 13 -3.07 -0.46 -2.09
CA PRO A 13 -1.84 -0.05 -2.78
C PRO A 13 -1.02 0.93 -1.95
N CYS A 14 0.26 1.08 -2.30
CA CYS A 14 1.16 1.98 -1.59
C CYS A 14 1.36 3.28 -2.38
N GLY A 15 2.17 3.19 -3.43
CA GLY A 15 2.43 4.37 -4.25
C GLY A 15 2.85 4.00 -5.66
N ASN A 16 4.09 4.35 -6.01
CA ASN A 16 4.61 4.06 -7.34
C ASN A 16 4.45 2.57 -7.68
N ILE A 17 5.16 1.72 -6.94
CA ILE A 17 5.09 0.29 -7.15
C ILE A 17 3.66 -0.22 -7.00
N THR A 18 2.83 0.54 -6.29
CA THR A 18 1.44 0.16 -6.07
C THR A 18 1.34 -1.18 -5.36
N LYS A 19 2.41 -1.56 -4.67
CA LYS A 19 2.43 -2.82 -3.94
C LYS A 19 1.24 -2.93 -2.99
N CYS A 20 0.44 -3.97 -3.18
CA CYS A 20 -0.74 -4.19 -2.34
C CYS A 20 -0.33 -4.73 -0.97
N ILE A 21 -0.60 -3.95 0.07
CA ILE A 21 -0.26 -4.35 1.44
C ILE A 21 -1.52 -4.56 2.27
N PRO A 22 -1.38 -5.35 3.35
CA PRO A 22 -2.50 -5.65 4.26
C PRO A 22 -2.93 -4.43 5.07
N GLN A 23 -4.24 -4.24 5.19
CA GLN A 23 -4.78 -3.11 5.93
C GLN A 23 -4.13 -3.01 7.31
N PHE A 24 -3.66 -4.15 7.82
CA PHE A 24 -3.02 -4.20 9.13
C PHE A 24 -1.90 -3.16 9.22
N TRP A 25 -1.31 -2.83 8.07
CA TRP A 25 -0.23 -1.86 8.03
C TRP A 25 -0.70 -0.55 7.43
N ARG A 26 -1.87 -0.09 7.87
CA ARG A 26 -2.44 1.16 7.39
C ARG A 26 -2.55 2.19 8.51
N CYS A 27 -2.02 3.38 8.26
CA CYS A 27 -2.06 4.46 9.25
C CYS A 27 -1.56 3.96 10.60
N ASP A 28 -0.63 3.01 10.57
CA ASP A 28 -0.06 2.45 11.80
C ASP A 28 1.20 3.22 12.21
N GLY A 29 1.94 3.70 11.22
CA GLY A 29 3.16 4.43 11.50
C GLY A 29 4.40 3.67 11.10
N GLN A 30 4.40 3.12 9.89
CA GLN A 30 5.54 2.36 9.39
C GLN A 30 5.82 2.70 7.93
N VAL A 31 7.10 2.68 7.56
CA VAL A 31 7.51 2.98 6.19
C VAL A 31 7.51 1.72 5.33
N ASP A 32 6.90 0.66 5.84
CA ASP A 32 6.84 -0.60 5.11
C ASP A 32 6.67 -0.36 3.61
N CYS A 33 5.78 0.56 3.26
CA CYS A 33 5.51 0.89 1.88
C CYS A 33 6.80 1.21 1.13
N ASP A 34 6.95 0.66 -0.06
CA ASP A 34 8.14 0.89 -0.87
C ASP A 34 8.38 2.38 -1.08
N ASN A 35 7.29 3.15 -1.10
CA ASN A 35 7.38 4.60 -1.30
C ASN A 35 6.96 5.34 -0.04
N GLY A 36 6.86 4.61 1.07
CA GLY A 36 6.48 5.22 2.33
C GLY A 36 5.20 6.02 2.22
N SER A 37 4.32 5.62 1.32
CA SER A 37 3.06 6.31 1.11
C SER A 37 2.10 6.06 2.26
N ASP A 38 2.21 4.89 2.88
CA ASP A 38 1.36 4.54 4.01
C ASP A 38 1.41 5.61 5.09
N GLU A 39 2.54 6.32 5.17
CA GLU A 39 2.71 7.37 6.15
C GLU A 39 2.68 8.75 5.50
N GLN A 40 1.79 8.90 4.51
CA GLN A 40 1.65 10.16 3.80
C GLN A 40 0.18 10.56 3.66
N GLY A 41 -0.49 10.68 4.80
CA GLY A 41 -1.90 11.06 4.79
C GLY A 41 -2.80 9.92 5.25
N CYS A 42 -2.20 8.86 5.76
CA CYS A 42 -2.95 7.70 6.22
C CYS A 42 -4.00 7.29 5.20
#